data_3ZLU
#
_entry.id   3ZLU
#
_cell.length_a   79.987
_cell.length_b   113.519
_cell.length_c   227.508
_cell.angle_alpha   90.00
_cell.angle_beta   90.00
_cell.angle_gamma   90.00
#
_symmetry.space_group_name_H-M   'P 21 21 21'
#
loop_
_entity.id
_entity.type
_entity.pdbx_description
1 polymer ACETYLCHOLINESTERASE
2 non-polymer (2-hydroxyethoxy)acetaldehyde
3 non-polymer 2,5,8,11,14,17-HEXAOXANONADECAN-19-OL
4 water water
#
_entity_poly.entity_id   1
_entity_poly.type   'polypeptide(L)'
_entity_poly.pdbx_seq_one_letter_code
;EGREDPQLLVRVRGGQLRGIRLKAPGGPVSAFLGIPFAEPPVGSRRFMPPEPKRPWSGVLDATTFQNVCYQYVDTLYPGF
EGTEMWNPNRELSEDCLYLNVWTPYPRPASPTPVLIWIYGGGFYSGAASLDVYDGRFLAQVEGAVLVSMNYRVGTFGFLA
LPGSREAPGNVGLLDQRLALQWVQENIAAFGGDPMSVTLFGE(GFT)AGAASVGMHILSLPSRSLFHRAVLQSGTPNGPW
ATVSAGEARRRATLLARLVGCPPGGAGGNDTELIACLRTRPAQDLVDHEWHVLPQESIFRFSFVPVVDGDFLSDTPEALI
NTGDFQDLQVLVGVVKDEGSYFLVYGVPGFSKDNESLISRAQFLAGVRIGVPQASDLAAEAVVLHYTDWLHPEDPTHLRD
AMSAVVGDHNVVCPVAQLAGRLAAQGARVYAYIFEHRASTLTWPLWMGVPHGYEIEFIFGLPLDPSLNYTTEERIFAQRL
MKYWTNFARTGDPNDPRDSKSPQWPPYTTAAQQYVSLNLKPLEVRRGLRAQTCAFWNRFLPKLLSAT
;
_entity_poly.pdbx_strand_id   A,B
#
loop_
_chem_comp.id
_chem_comp.type
_chem_comp.name
_chem_comp.formula
1KA non-polymer (2-hydroxyethoxy)acetaldehyde 'C4 H8 O3'
P15 non-polymer 2,5,8,11,14,17-HEXAOXANONADECAN-19-OL 'C13 H28 O7'
#
# COMPACT_ATOMS: atom_id res chain seq x y z
N GLU A 1 13.07 22.44 -64.26
CA GLU A 1 14.40 22.25 -63.68
C GLU A 1 15.53 22.63 -64.64
N GLY A 2 16.77 22.35 -64.24
CA GLY A 2 17.91 22.59 -65.09
C GLY A 2 19.15 22.97 -64.32
N ARG A 3 18.99 23.94 -63.42
CA ARG A 3 20.12 24.56 -62.74
C ARG A 3 20.20 24.22 -61.24
N GLU A 4 19.26 23.42 -60.75
CA GLU A 4 19.18 23.12 -59.32
C GLU A 4 19.74 21.76 -58.90
N ASP A 5 19.78 21.53 -57.59
CA ASP A 5 20.35 20.32 -57.01
C ASP A 5 19.55 19.09 -57.41
N PRO A 6 20.18 18.16 -58.13
CA PRO A 6 19.62 16.85 -58.51
C PRO A 6 19.05 16.04 -57.34
N GLN A 7 19.59 16.20 -56.14
CA GLN A 7 19.15 15.37 -55.02
C GLN A 7 17.88 15.89 -54.35
N LEU A 8 17.42 17.05 -54.78
CA LEU A 8 16.30 17.73 -54.13
C LEU A 8 15.00 17.68 -54.92
N LEU A 9 15.03 16.96 -56.06
CA LEU A 9 13.84 16.84 -56.89
C LEU A 9 13.30 15.43 -56.83
N VAL A 10 12.09 15.29 -56.29
CA VAL A 10 11.45 13.99 -56.11
C VAL A 10 10.01 14.05 -56.65
N ARG A 11 9.53 12.93 -57.20
CA ARG A 11 8.13 12.81 -57.60
C ARG A 11 7.38 11.88 -56.65
N VAL A 12 6.21 12.32 -56.20
CA VAL A 12 5.32 11.44 -55.44
C VAL A 12 3.96 11.37 -56.17
N ARG A 13 3.10 10.43 -55.73
CA ARG A 13 1.82 10.13 -56.40
C ARG A 13 1.02 11.36 -56.81
N GLY A 14 1.17 12.45 -56.06
CA GLY A 14 0.39 13.66 -56.30
C GLY A 14 1.06 14.75 -57.12
N GLY A 15 2.36 14.59 -57.40
CA GLY A 15 3.06 15.58 -58.19
C GLY A 15 4.55 15.67 -57.86
N GLN A 16 5.18 16.74 -58.34
CA GLN A 16 6.61 16.93 -58.14
C GLN A 16 6.93 17.81 -56.94
N LEU A 17 8.01 17.47 -56.23
CA LEU A 17 8.42 18.21 -55.04
C LEU A 17 9.84 18.72 -55.18
N ARG A 18 10.08 19.96 -54.72
CA ARG A 18 11.45 20.43 -54.53
C ARG A 18 11.71 20.57 -53.02
N GLY A 19 12.77 19.91 -52.56
CA GLY A 19 13.18 19.99 -51.17
C GLY A 19 14.36 20.92 -50.96
N ILE A 20 14.96 20.81 -49.78
CA ILE A 20 16.03 21.71 -49.36
C ILE A 20 17.19 20.90 -48.78
N ARG A 21 18.42 21.37 -49.02
CA ARG A 21 19.62 20.77 -48.42
C ARG A 21 19.87 21.49 -47.08
N LEU A 22 19.91 20.75 -45.98
CA LEU A 22 20.07 21.38 -44.67
C LEU A 22 21.41 20.99 -44.06
N LYS A 23 21.87 21.79 -43.11
CA LYS A 23 23.10 21.46 -42.39
C LYS A 23 22.81 20.75 -41.08
N ALA A 24 23.32 19.52 -40.96
CA ALA A 24 23.42 18.86 -39.67
C ALA A 24 24.89 18.98 -39.27
N PRO A 25 25.21 18.79 -37.97
CA PRO A 25 26.61 18.95 -37.54
C PRO A 25 27.62 18.08 -38.30
N GLY A 26 27.27 16.84 -38.63
CA GLY A 26 28.20 15.95 -39.32
C GLY A 26 28.09 15.94 -40.84
N GLY A 27 27.31 16.89 -41.40
CA GLY A 27 27.12 16.96 -42.83
C GLY A 27 25.69 17.27 -43.24
N PRO A 28 25.43 17.32 -44.56
CA PRO A 28 24.10 17.72 -45.05
C PRO A 28 23.06 16.60 -45.05
N VAL A 29 21.78 16.99 -44.98
CA VAL A 29 20.64 16.08 -45.11
C VAL A 29 19.66 16.70 -46.12
N SER A 30 18.75 15.90 -46.68
CA SER A 30 17.69 16.46 -47.53
C SER A 30 16.39 16.56 -46.74
N ALA A 31 15.70 17.69 -46.87
CA ALA A 31 14.43 17.85 -46.18
C ALA A 31 13.31 18.23 -47.15
N PHE A 32 12.18 17.53 -47.04
CA PHE A 32 10.99 17.87 -47.82
C PHE A 32 9.90 18.22 -46.83
N LEU A 33 9.54 19.50 -46.80
CA LEU A 33 8.73 20.05 -45.71
C LEU A 33 7.40 20.60 -46.21
N GLY A 34 6.34 20.36 -45.45
CA GLY A 34 5.02 20.83 -45.84
C GLY A 34 4.50 20.16 -47.11
N ILE A 35 4.62 18.84 -47.19
CA ILE A 35 4.02 18.07 -48.27
C ILE A 35 2.53 17.82 -47.94
N PRO A 36 1.62 18.20 -48.85
CA PRO A 36 0.20 18.02 -48.46
C PRO A 36 -0.23 16.57 -48.65
N PHE A 37 -0.96 16.00 -47.70
CA PHE A 37 -1.38 14.61 -47.83
C PHE A 37 -2.90 14.48 -47.88
N ALA A 38 -3.60 15.59 -47.66
CA ALA A 38 -5.06 15.62 -47.59
C ALA A 38 -5.60 16.91 -48.20
N GLU A 39 -6.83 16.89 -48.68
CA GLU A 39 -7.50 18.14 -49.03
C GLU A 39 -7.73 18.97 -47.76
N PRO A 40 -7.50 20.28 -47.84
CA PRO A 40 -7.66 21.16 -46.68
C PRO A 40 -9.03 20.99 -46.00
N PRO A 41 -9.03 20.59 -44.72
CA PRO A 41 -10.26 20.27 -43.97
C PRO A 41 -11.02 21.51 -43.55
N VAL A 42 -11.38 22.34 -44.52
CA VAL A 42 -12.01 23.63 -44.22
C VAL A 42 -13.46 23.68 -44.71
N GLY A 43 -14.15 24.75 -44.31
CA GLY A 43 -15.54 24.96 -44.67
C GLY A 43 -16.41 23.77 -44.30
N SER A 44 -17.03 23.16 -45.30
CA SER A 44 -17.93 22.03 -45.11
C SER A 44 -17.18 20.77 -44.68
N ARG A 45 -15.86 20.83 -44.74
CA ARG A 45 -15.02 19.68 -44.45
C ARG A 45 -14.61 19.61 -42.98
N ARG A 46 -14.86 20.68 -42.24
CA ARG A 46 -14.60 20.71 -40.80
C ARG A 46 -15.38 19.60 -40.08
N PHE A 47 -14.68 18.89 -39.18
CA PHE A 47 -15.19 17.72 -38.43
C PHE A 47 -15.24 16.44 -39.24
N MET A 48 -15.05 16.55 -40.56
CA MET A 48 -15.13 15.39 -41.45
C MET A 48 -13.83 14.63 -41.60
N PRO A 49 -13.92 13.32 -41.87
CA PRO A 49 -12.71 12.53 -42.19
C PRO A 49 -11.92 13.17 -43.33
N PRO A 50 -10.60 13.00 -43.31
CA PRO A 50 -9.80 13.68 -44.34
C PRO A 50 -9.93 12.96 -45.68
N GLU A 51 -10.00 13.75 -46.74
CA GLU A 51 -9.91 13.23 -48.10
C GLU A 51 -8.50 13.44 -48.61
N PRO A 52 -7.94 12.40 -49.26
CA PRO A 52 -6.59 12.42 -49.86
C PRO A 52 -6.38 13.60 -50.81
N LYS A 53 -5.17 14.18 -50.76
CA LYS A 53 -4.84 15.37 -51.54
C LYS A 53 -4.88 15.06 -53.03
N ARG A 54 -5.69 15.82 -53.78
CA ARG A 54 -5.74 15.66 -55.23
C ARG A 54 -4.44 16.17 -55.85
N PRO A 55 -3.99 15.52 -56.95
CA PRO A 55 -2.69 15.83 -57.56
C PRO A 55 -2.53 17.30 -57.98
N TRP A 56 -1.29 17.77 -57.99
CA TRP A 56 -1.05 19.19 -58.31
C TRP A 56 -0.23 19.31 -59.59
N SER A 57 -0.25 20.48 -60.21
CA SER A 57 0.60 20.66 -61.38
C SER A 57 1.86 21.40 -61.00
N GLY A 58 2.90 21.21 -61.80
CA GLY A 58 4.18 21.84 -61.57
C GLY A 58 4.93 21.27 -60.38
N VAL A 59 5.94 22.01 -59.95
CA VAL A 59 6.79 21.54 -58.87
C VAL A 59 6.40 22.29 -57.61
N LEU A 60 5.92 21.52 -56.63
CA LEU A 60 5.51 22.09 -55.36
C LEU A 60 6.75 22.40 -54.54
N ASP A 61 6.81 23.61 -54.01
CA ASP A 61 7.90 23.98 -53.13
C ASP A 61 7.69 23.36 -51.72
N ALA A 62 8.64 22.50 -51.35
CA ALA A 62 8.62 21.84 -50.05
C ALA A 62 9.90 22.20 -49.25
N THR A 63 10.14 23.49 -49.06
CA THR A 63 11.36 23.93 -48.41
C THR A 63 11.12 24.61 -47.05
N THR A 64 9.84 24.76 -46.69
CA THR A 64 9.50 25.33 -45.38
C THR A 64 8.35 24.59 -44.71
N PHE A 65 8.31 24.67 -43.38
CA PHE A 65 7.22 24.08 -42.62
C PHE A 65 5.92 24.78 -42.98
N GLN A 66 4.85 24.02 -42.96
CA GLN A 66 3.55 24.57 -43.28
C GLN A 66 2.82 25.01 -42.03
N ASN A 67 1.57 25.44 -42.21
CA ASN A 67 0.73 25.86 -41.11
C ASN A 67 0.64 24.85 -39.99
N VAL A 68 0.42 25.37 -38.78
CA VAL A 68 0.18 24.55 -37.61
C VAL A 68 -1.35 24.47 -37.43
N CYS A 69 -1.86 23.30 -37.04
CA CYS A 69 -3.30 23.12 -36.92
C CYS A 69 -3.90 24.04 -35.87
N TYR A 70 -5.10 24.55 -36.14
CA TYR A 70 -5.69 25.56 -35.25
C TYR A 70 -5.81 25.05 -33.81
N GLN A 71 -5.32 25.84 -32.84
CA GLN A 71 -5.24 25.35 -31.46
C GLN A 71 -5.12 26.43 -30.37
N TYR A 72 -5.43 26.03 -29.14
CA TYR A 72 -5.18 26.84 -27.94
C TYR A 72 -3.69 27.16 -27.83
N VAL A 73 -3.36 28.43 -27.55
CA VAL A 73 -1.97 28.79 -27.30
C VAL A 73 -1.72 29.08 -25.82
N ASP A 74 -0.64 28.53 -25.28
CA ASP A 74 -0.43 28.63 -23.85
C ASP A 74 0.10 29.99 -23.41
N THR A 75 -0.39 30.42 -22.26
CA THR A 75 -0.20 31.78 -21.79
C THR A 75 0.16 31.82 -20.30
N LEU A 76 0.34 30.64 -19.71
CA LEU A 76 0.62 30.52 -18.28
C LEU A 76 1.87 31.26 -17.84
N TYR A 77 2.96 31.10 -18.58
CA TYR A 77 4.20 31.79 -18.23
C TYR A 77 4.79 32.53 -19.42
N PRO A 78 4.24 33.72 -19.72
CA PRO A 78 4.65 34.55 -20.86
C PRO A 78 6.17 34.84 -20.90
N GLY A 79 6.81 34.45 -22.00
CA GLY A 79 8.24 34.69 -22.16
C GLY A 79 9.13 33.52 -21.81
N PHE A 80 8.55 32.55 -21.09
CA PHE A 80 9.30 31.44 -20.48
C PHE A 80 9.55 30.29 -21.43
N GLU A 81 10.82 29.95 -21.65
CA GLU A 81 11.23 28.90 -22.58
C GLU A 81 10.54 27.55 -22.31
N GLY A 82 10.42 27.19 -21.03
CA GLY A 82 9.87 25.90 -20.65
C GLY A 82 8.48 25.62 -21.20
N THR A 83 7.67 26.67 -21.35
CA THR A 83 6.35 26.54 -21.98
C THR A 83 6.37 26.91 -23.48
N GLU A 84 7.18 27.90 -23.86
CA GLU A 84 7.13 28.44 -25.22
C GLU A 84 7.56 27.43 -26.27
N MET A 85 8.51 26.57 -25.90
CA MET A 85 9.02 25.54 -26.82
C MET A 85 7.91 24.61 -27.38
N TRP A 86 6.79 24.55 -26.66
CA TRP A 86 5.68 23.72 -27.06
C TRP A 86 4.64 24.51 -27.86
N ASN A 87 4.74 25.84 -27.82
CA ASN A 87 3.85 26.73 -28.56
C ASN A 87 4.04 26.66 -30.08
N PRO A 88 2.97 26.92 -30.85
CA PRO A 88 3.02 26.87 -32.32
C PRO A 88 4.10 27.80 -32.90
N ASN A 89 4.87 27.33 -33.88
CA ASN A 89 5.97 28.13 -34.41
C ASN A 89 5.76 28.53 -35.88
N ARG A 90 4.50 28.40 -36.32
CA ARG A 90 4.07 28.78 -37.66
C ARG A 90 2.62 29.26 -37.52
N GLU A 91 2.10 29.90 -38.56
CA GLU A 91 0.76 30.42 -38.55
C GLU A 91 -0.30 29.34 -38.20
N LEU A 92 -1.27 29.71 -37.35
CA LEU A 92 -2.40 28.83 -37.08
C LEU A 92 -3.38 28.88 -38.25
N SER A 93 -3.89 27.72 -38.64
CA SER A 93 -4.83 27.60 -39.75
C SER A 93 -5.51 26.24 -39.72
N GLU A 94 -6.74 26.18 -40.19
CA GLU A 94 -7.43 24.89 -40.36
C GLU A 94 -6.85 24.14 -41.57
N ASP A 95 -6.23 24.89 -42.47
CA ASP A 95 -5.50 24.32 -43.60
C ASP A 95 -4.12 23.95 -43.06
N CYS A 96 -4.00 22.74 -42.53
CA CYS A 96 -2.81 22.35 -41.79
C CYS A 96 -2.36 20.91 -42.05
N LEU A 97 -3.03 20.21 -42.95
CA LEU A 97 -2.70 18.81 -43.15
C LEU A 97 -1.51 18.60 -44.12
N TYR A 98 -0.31 18.76 -43.58
CA TYR A 98 0.95 18.60 -44.32
C TYR A 98 1.88 17.67 -43.52
N LEU A 99 2.81 17.00 -44.21
CA LEU A 99 3.79 16.16 -43.52
C LEU A 99 5.21 16.52 -43.95
N ASN A 100 6.20 16.00 -43.22
CA ASN A 100 7.61 16.30 -43.49
C ASN A 100 8.49 15.04 -43.62
N VAL A 101 9.51 15.12 -44.46
CA VAL A 101 10.43 14.01 -44.67
C VAL A 101 11.89 14.46 -44.59
N TRP A 102 12.69 13.78 -43.76
CA TRP A 102 14.14 13.97 -43.74
C TRP A 102 14.82 12.70 -44.21
N THR A 103 15.76 12.83 -45.14
CA THR A 103 16.55 11.69 -45.59
C THR A 103 18.01 12.09 -45.65
N PRO A 104 18.90 11.08 -45.62
CA PRO A 104 20.35 11.27 -45.85
C PRO A 104 20.66 12.04 -47.16
N TYR A 105 21.84 12.65 -47.23
CA TYR A 105 22.25 13.36 -48.44
C TYR A 105 23.62 12.87 -48.83
N PRO A 106 23.72 12.21 -50.00
CA PRO A 106 22.60 11.96 -50.93
C PRO A 106 21.72 10.80 -50.44
N ARG A 107 20.49 10.70 -50.96
CA ARG A 107 19.54 9.65 -50.56
C ARG A 107 20.13 8.26 -50.81
N PRO A 108 19.87 7.31 -49.88
CA PRO A 108 20.38 5.94 -49.92
C PRO A 108 19.97 5.16 -51.18
N ALA A 109 20.89 4.40 -51.78
CA ALA A 109 20.51 3.51 -52.90
C ALA A 109 19.76 2.27 -52.42
N SER A 110 20.29 1.60 -51.39
CA SER A 110 19.53 0.52 -50.74
C SER A 110 18.44 1.11 -49.85
N PRO A 111 17.24 0.48 -49.84
CA PRO A 111 16.10 1.00 -49.06
C PRO A 111 16.38 1.04 -47.56
N THR A 112 15.84 2.05 -46.89
CA THR A 112 16.20 2.41 -45.52
C THR A 112 14.97 2.40 -44.60
N PRO A 113 15.13 1.93 -43.35
CA PRO A 113 14.02 1.88 -42.39
C PRO A 113 13.44 3.26 -42.05
N VAL A 114 12.11 3.31 -41.93
CA VAL A 114 11.37 4.56 -41.78
C VAL A 114 10.88 4.76 -40.35
N LEU A 115 11.15 5.94 -39.79
CA LEU A 115 10.62 6.32 -38.47
C LEU A 115 9.54 7.38 -38.65
N ILE A 116 8.35 7.12 -38.14
CA ILE A 116 7.28 8.13 -38.22
C ILE A 116 6.93 8.73 -36.85
N TRP A 117 7.14 10.04 -36.70
CA TRP A 117 6.87 10.72 -35.43
C TRP A 117 5.44 11.23 -35.35
N ILE A 118 4.76 10.94 -34.25
CA ILE A 118 3.47 11.55 -33.95
C ILE A 118 3.54 12.40 -32.67
N TYR A 119 3.38 13.72 -32.79
CA TYR A 119 3.56 14.60 -31.62
C TYR A 119 2.48 14.46 -30.57
N GLY A 120 2.82 14.86 -29.33
CA GLY A 120 1.84 14.99 -28.27
C GLY A 120 1.37 16.43 -28.10
N GLY A 121 0.64 16.67 -26.99
CA GLY A 121 -0.02 17.94 -26.77
C GLY A 121 -1.47 17.74 -26.33
N GLY A 122 -1.72 16.59 -25.70
CA GLY A 122 -2.98 16.32 -25.01
C GLY A 122 -4.18 16.27 -25.94
N PHE A 123 -3.92 16.16 -27.25
CA PHE A 123 -4.95 16.15 -28.30
C PHE A 123 -5.58 17.52 -28.53
N TYR A 124 -5.02 18.57 -27.91
CA TYR A 124 -5.50 19.94 -28.09
C TYR A 124 -4.40 20.85 -28.65
N SER A 125 -3.18 20.35 -28.69
CA SER A 125 -2.08 21.16 -29.23
C SER A 125 -1.02 20.27 -29.89
N GLY A 126 0.02 20.90 -30.43
CA GLY A 126 1.11 20.17 -31.07
C GLY A 126 1.32 20.54 -32.53
N ALA A 127 2.47 20.15 -33.07
CA ALA A 127 2.88 20.57 -34.42
C ALA A 127 4.16 19.80 -34.75
N ALA A 128 4.34 19.40 -35.99
CA ALA A 128 5.50 18.58 -36.36
C ALA A 128 6.73 19.45 -36.64
N SER A 129 6.54 20.77 -36.57
CA SER A 129 7.59 21.74 -36.91
C SER A 129 8.37 22.29 -35.71
N LEU A 130 8.01 21.89 -34.49
CA LEU A 130 8.72 22.34 -33.29
C LEU A 130 10.19 21.91 -33.34
N ASP A 131 11.07 22.70 -32.74
CA ASP A 131 12.51 22.41 -32.80
C ASP A 131 12.89 21.04 -32.22
N VAL A 132 12.18 20.58 -31.20
CA VAL A 132 12.53 19.29 -30.58
C VAL A 132 12.17 18.08 -31.44
N TYR A 133 11.46 18.32 -32.54
CA TYR A 133 11.12 17.23 -33.46
C TYR A 133 11.93 17.31 -34.76
N ASP A 134 13.07 18.01 -34.72
CA ASP A 134 13.93 18.17 -35.89
C ASP A 134 14.55 16.83 -36.34
N GLY A 135 14.12 16.35 -37.50
CA GLY A 135 14.58 15.06 -37.97
C GLY A 135 16.02 15.01 -38.51
N ARG A 136 16.67 16.16 -38.65
CA ARG A 136 17.97 16.19 -39.34
C ARG A 136 19.03 15.28 -38.69
N PHE A 137 19.09 15.24 -37.36
CA PHE A 137 20.13 14.47 -36.68
C PHE A 137 20.00 12.94 -36.86
N LEU A 138 18.78 12.42 -36.72
CA LEU A 138 18.53 10.99 -36.94
C LEU A 138 18.77 10.63 -38.41
N ALA A 139 18.35 11.51 -39.31
CA ALA A 139 18.62 11.33 -40.74
C ALA A 139 20.14 11.30 -41.04
N GLN A 140 20.88 12.27 -40.50
CA GLN A 140 22.31 12.39 -40.76
C GLN A 140 23.18 11.32 -40.06
N VAL A 141 23.00 11.15 -38.75
CA VAL A 141 23.86 10.28 -37.96
C VAL A 141 23.52 8.79 -38.09
N GLU A 142 22.22 8.48 -38.19
CA GLU A 142 21.79 7.10 -38.20
C GLU A 142 21.30 6.62 -39.56
N GLY A 143 21.35 7.50 -40.55
CA GLY A 143 20.94 7.15 -41.89
C GLY A 143 19.46 6.86 -42.07
N ALA A 144 18.64 7.34 -41.13
CA ALA A 144 17.21 7.03 -41.11
C ALA A 144 16.40 7.91 -42.06
N VAL A 145 15.27 7.40 -42.54
CA VAL A 145 14.27 8.26 -43.17
C VAL A 145 13.25 8.59 -42.08
N LEU A 146 13.01 9.88 -41.87
CA LEU A 146 12.16 10.30 -40.79
C LEU A 146 10.97 11.10 -41.33
N VAL A 147 9.77 10.73 -40.88
CA VAL A 147 8.55 11.39 -41.33
C VAL A 147 7.74 11.86 -40.14
N SER A 148 7.20 13.06 -40.24
CA SER A 148 6.29 13.57 -39.22
C SER A 148 5.14 14.31 -39.90
N MET A 149 3.95 14.21 -39.32
CA MET A 149 2.78 14.86 -39.91
C MET A 149 2.08 15.76 -38.91
N ASN A 150 1.35 16.75 -39.42
CA ASN A 150 0.33 17.43 -38.61
C ASN A 150 -0.99 16.64 -38.65
N TYR A 151 -1.69 16.64 -37.53
CA TYR A 151 -3.01 16.03 -37.49
C TYR A 151 -3.90 16.99 -36.70
N ARG A 152 -5.18 17.06 -37.05
CA ARG A 152 -6.09 18.00 -36.38
C ARG A 152 -6.24 17.72 -34.88
N VAL A 153 -6.16 18.78 -34.08
CA VAL A 153 -6.30 18.67 -32.64
C VAL A 153 -7.52 19.46 -32.15
N GLY A 154 -7.84 19.33 -30.86
CA GLY A 154 -8.97 20.01 -30.26
C GLY A 154 -10.29 19.59 -30.88
N THR A 155 -11.25 20.52 -30.92
CA THR A 155 -12.54 20.27 -31.56
C THR A 155 -12.38 19.81 -33.02
N PHE A 156 -11.55 20.51 -33.78
CA PHE A 156 -11.39 20.25 -35.22
C PHE A 156 -11.03 18.81 -35.48
N GLY A 157 -10.21 18.25 -34.60
CA GLY A 157 -9.81 16.87 -34.74
C GLY A 157 -10.66 15.85 -33.97
N PHE A 158 -11.34 16.29 -32.91
CA PHE A 158 -11.91 15.31 -31.98
C PHE A 158 -13.34 15.52 -31.45
N LEU A 159 -13.93 16.68 -31.73
CA LEU A 159 -15.35 16.87 -31.46
C LEU A 159 -16.19 15.82 -32.22
N ALA A 160 -17.08 15.15 -31.51
CA ALA A 160 -17.86 14.06 -32.09
C ALA A 160 -19.31 14.06 -31.62
N LEU A 161 -20.22 13.89 -32.58
CA LEU A 161 -21.58 13.45 -32.28
C LEU A 161 -21.68 12.02 -32.76
N PRO A 162 -21.30 11.06 -31.89
CA PRO A 162 -21.14 9.66 -32.32
C PRO A 162 -22.40 9.14 -32.99
N GLY A 163 -22.25 8.53 -34.16
CA GLY A 163 -23.40 8.06 -34.92
C GLY A 163 -23.68 8.91 -36.15
N SER A 164 -23.46 10.21 -36.05
CA SER A 164 -23.74 11.11 -37.16
C SER A 164 -22.80 10.93 -38.34
N ARG A 165 -23.18 11.50 -39.47
CA ARG A 165 -22.39 11.45 -40.68
C ARG A 165 -21.38 12.61 -40.67
N GLU A 166 -21.80 13.75 -40.10
CA GLU A 166 -21.05 15.01 -40.26
C GLU A 166 -20.04 15.33 -39.15
N ALA A 167 -20.06 14.54 -38.07
CA ALA A 167 -19.06 14.64 -37.01
C ALA A 167 -18.85 13.30 -36.32
N PRO A 168 -18.27 12.34 -37.04
CA PRO A 168 -18.20 10.95 -36.54
C PRO A 168 -17.20 10.72 -35.41
N GLY A 169 -16.25 11.66 -35.23
CA GLY A 169 -15.23 11.52 -34.21
C GLY A 169 -13.94 10.88 -34.70
N ASN A 170 -12.91 10.96 -33.86
CA ASN A 170 -11.58 10.42 -34.16
C ASN A 170 -10.96 10.88 -35.50
N VAL A 171 -11.38 12.02 -36.05
CA VAL A 171 -10.86 12.39 -37.37
C VAL A 171 -9.40 12.82 -37.35
N GLY A 172 -8.93 13.30 -36.19
CA GLY A 172 -7.51 13.56 -36.02
C GLY A 172 -6.69 12.27 -36.13
N LEU A 173 -7.24 11.18 -35.60
CA LEU A 173 -6.61 9.86 -35.74
C LEU A 173 -6.60 9.41 -37.22
N LEU A 174 -7.66 9.76 -37.94
CA LEU A 174 -7.75 9.50 -39.37
C LEU A 174 -6.76 10.31 -40.19
N ASP A 175 -6.50 11.55 -39.80
CA ASP A 175 -5.42 12.35 -40.43
C ASP A 175 -4.07 11.63 -40.35
N GLN A 176 -3.81 11.06 -39.17
CA GLN A 176 -2.61 10.27 -38.95
C GLN A 176 -2.56 9.03 -39.88
N ARG A 177 -3.66 8.28 -39.94
CA ARG A 177 -3.75 7.09 -40.81
C ARG A 177 -3.54 7.43 -42.30
N LEU A 178 -4.10 8.55 -42.74
CA LEU A 178 -3.92 9.01 -44.11
C LEU A 178 -2.43 9.22 -44.43
N ALA A 179 -1.69 9.78 -43.47
CA ALA A 179 -0.25 10.01 -43.61
C ALA A 179 0.52 8.70 -43.63
N LEU A 180 0.05 7.71 -42.85
CA LEU A 180 0.67 6.38 -42.85
C LEU A 180 0.50 5.71 -44.24
N GLN A 181 -0.69 5.89 -44.83
CA GLN A 181 -0.98 5.41 -46.17
C GLN A 181 -0.11 6.13 -47.18
N TRP A 182 0.04 7.45 -47.00
CA TRP A 182 0.92 8.24 -47.85
C TRP A 182 2.36 7.74 -47.76
N VAL A 183 2.78 7.28 -46.58
CA VAL A 183 4.13 6.77 -46.48
C VAL A 183 4.28 5.46 -47.26
N GLN A 184 3.32 4.55 -47.09
CA GLN A 184 3.29 3.27 -47.82
C GLN A 184 3.45 3.46 -49.32
N GLU A 185 2.67 4.36 -49.90
CA GLU A 185 2.72 4.54 -51.34
C GLU A 185 3.96 5.30 -51.84
N ASN A 186 4.43 6.29 -51.07
CA ASN A 186 5.39 7.24 -51.62
C ASN A 186 6.81 7.22 -51.05
N ILE A 187 6.99 6.62 -49.87
CA ILE A 187 8.29 6.76 -49.18
C ILE A 187 9.48 6.14 -49.94
N ALA A 188 9.22 5.15 -50.80
CA ALA A 188 10.31 4.57 -51.61
C ALA A 188 10.92 5.57 -52.61
N ALA A 189 10.15 6.59 -52.98
CA ALA A 189 10.70 7.70 -53.76
C ALA A 189 11.81 8.47 -53.03
N PHE A 190 11.95 8.24 -51.72
CA PHE A 190 12.95 8.96 -50.93
C PHE A 190 14.00 8.00 -50.41
N GLY A 191 13.88 6.72 -50.79
CA GLY A 191 14.83 5.72 -50.36
C GLY A 191 14.38 4.99 -49.11
N GLY A 192 13.13 5.24 -48.71
CA GLY A 192 12.59 4.60 -47.52
C GLY A 192 11.98 3.24 -47.83
N ASP A 193 12.05 2.33 -46.87
CA ASP A 193 11.49 0.99 -47.01
C ASP A 193 10.13 0.87 -46.34
N PRO A 194 9.05 0.83 -47.15
CA PRO A 194 7.68 0.75 -46.63
C PRO A 194 7.41 -0.52 -45.82
N MET A 195 8.29 -1.53 -45.94
CA MET A 195 8.13 -2.77 -45.18
C MET A 195 8.87 -2.73 -43.85
N SER A 196 9.51 -1.59 -43.58
CA SER A 196 10.16 -1.37 -42.29
C SER A 196 9.78 0.01 -41.76
N VAL A 197 8.55 0.12 -41.25
CA VAL A 197 8.01 1.38 -40.74
C VAL A 197 7.76 1.30 -39.23
N THR A 198 8.44 2.15 -38.47
CA THR A 198 8.25 2.21 -37.01
C THR A 198 7.52 3.51 -36.60
N LEU A 199 6.39 3.37 -35.90
CA LEU A 199 5.74 4.54 -35.31
C LEU A 199 6.38 4.89 -33.95
N PHE A 200 6.66 6.16 -33.70
CA PHE A 200 6.99 6.59 -32.34
C PHE A 200 6.37 7.95 -31.99
N GLY A 201 5.98 8.10 -30.73
CA GLY A 201 5.32 9.31 -30.30
C GLY A 201 5.38 9.47 -28.79
N GLU A 202 5.09 10.67 -28.31
CA GLU A 202 5.23 10.96 -26.90
C GLU A 202 3.98 11.65 -26.39
N GFT A 203 3.29 11.05 -25.45
CA GFT A 203 2.21 11.39 -24.50
C GFT A 203 0.79 11.41 -25.22
O GFT A 203 0.39 10.09 -25.47
CB GFT A 203 2.48 12.85 -23.95
OG GFT A 203 1.40 13.39 -23.22
CAA GFT A 203 -0.28 15.13 -21.95
OAC GFT A 203 -0.04 14.86 -24.66
CAD GFT A 203 4.12 19.29 -23.80
CAE GFT A 203 2.63 19.41 -23.44
CAF GFT A 203 4.46 17.92 -24.41
CAG GFT A 203 2.14 18.28 -22.51
CAH GFT A 203 4.12 16.79 -23.44
OAI GFT A 203 1.79 16.10 -23.61
CAJ GFT A 203 2.69 16.84 -22.83
PAK GFT A 203 0.76 14.89 -23.30
N ALA A 204 0.06 12.28 -25.91
CA ALA A 204 -1.02 11.89 -26.79
C ALA A 204 -0.49 11.30 -28.11
N GLY A 205 0.78 11.57 -28.41
CA GLY A 205 1.42 10.92 -29.54
C GLY A 205 1.59 9.43 -29.26
N ALA A 206 2.04 9.10 -28.05
CA ALA A 206 2.19 7.71 -27.65
C ALA A 206 0.83 7.02 -27.66
N ALA A 207 -0.16 7.68 -27.05
CA ALA A 207 -1.51 7.16 -27.02
C ALA A 207 -2.05 6.97 -28.43
N SER A 208 -1.75 7.92 -29.31
CA SER A 208 -2.06 7.78 -30.74
C SER A 208 -1.46 6.49 -31.33
N VAL A 209 -0.16 6.31 -31.16
CA VAL A 209 0.52 5.11 -31.62
C VAL A 209 -0.21 3.86 -31.10
N GLY A 210 -0.56 3.86 -29.82
CA GLY A 210 -1.28 2.76 -29.20
C GLY A 210 -2.62 2.48 -29.86
N MET A 211 -3.30 3.52 -30.30
CA MET A 211 -4.58 3.31 -30.96
C MET A 211 -4.46 2.74 -32.38
N HIS A 212 -3.32 3.01 -33.03
CA HIS A 212 -3.07 2.43 -34.33
C HIS A 212 -2.85 0.91 -34.21
N ILE A 213 -2.16 0.50 -33.16
CA ILE A 213 -2.03 -0.91 -32.80
C ILE A 213 -3.40 -1.60 -32.60
N LEU A 214 -4.34 -0.90 -31.98
CA LEU A 214 -5.63 -1.48 -31.60
C LEU A 214 -6.68 -1.38 -32.70
N SER A 215 -6.30 -0.79 -33.82
CA SER A 215 -7.24 -0.52 -34.90
C SER A 215 -6.76 -1.20 -36.16
N LEU A 216 -7.49 -2.22 -36.60
CA LEU A 216 -7.07 -3.08 -37.70
C LEU A 216 -6.61 -2.39 -39.00
N PRO A 217 -7.41 -1.41 -39.50
CA PRO A 217 -6.98 -0.75 -40.74
C PRO A 217 -5.64 -0.02 -40.66
N SER A 218 -5.10 0.20 -39.46
CA SER A 218 -3.82 0.89 -39.32
C SER A 218 -2.69 -0.10 -39.21
N ARG A 219 -3.04 -1.33 -38.85
CA ARG A 219 -2.05 -2.38 -38.57
C ARG A 219 -1.20 -2.76 -39.78
N SER A 220 -1.82 -2.74 -40.96
CA SER A 220 -1.09 -3.02 -42.19
C SER A 220 -0.10 -1.92 -42.58
N LEU A 221 -0.15 -0.77 -41.90
CA LEU A 221 0.63 0.40 -42.31
C LEU A 221 1.96 0.57 -41.56
N PHE A 222 2.23 -0.31 -40.61
CA PHE A 222 3.49 -0.22 -39.85
C PHE A 222 3.86 -1.57 -39.22
N HIS A 223 5.07 -1.68 -38.71
CA HIS A 223 5.60 -2.97 -38.30
C HIS A 223 6.03 -3.01 -36.83
N ARG A 224 6.53 -1.88 -36.33
CA ARG A 224 7.03 -1.76 -34.94
C ARG A 224 6.53 -0.46 -34.32
N ALA A 225 6.52 -0.36 -32.99
CA ALA A 225 6.01 0.84 -32.35
C ALA A 225 6.76 1.28 -31.08
N VAL A 226 6.96 2.58 -30.92
CA VAL A 226 7.46 3.14 -29.67
C VAL A 226 6.43 4.06 -29.00
N LEU A 227 6.22 3.83 -27.72
CA LEU A 227 5.30 4.65 -26.94
C LEU A 227 6.05 5.28 -25.77
N GLN A 228 6.29 6.57 -25.85
CA GLN A 228 6.97 7.28 -24.78
C GLN A 228 5.96 8.04 -23.91
N SER A 229 5.87 7.63 -22.64
CA SER A 229 5.03 8.31 -21.64
C SER A 229 3.59 8.52 -22.09
N GLY A 230 2.95 7.44 -22.55
CA GLY A 230 1.59 7.56 -23.05
C GLY A 230 1.02 6.23 -23.47
N THR A 231 -0.28 6.07 -23.28
CA THR A 231 -0.96 4.82 -23.59
C THR A 231 -2.37 5.06 -24.12
N PRO A 232 -2.85 4.16 -24.99
CA PRO A 232 -4.25 4.35 -25.42
C PRO A 232 -5.22 4.08 -24.26
N ASN A 233 -4.84 3.19 -23.34
CA ASN A 233 -5.62 2.94 -22.12
C ASN A 233 -5.32 4.03 -21.10
N GLY A 234 -6.08 4.05 -20.01
CA GLY A 234 -5.90 5.09 -19.00
C GLY A 234 -7.00 6.15 -18.97
N PRO A 235 -6.90 7.10 -18.05
CA PRO A 235 -8.02 7.97 -17.68
C PRO A 235 -8.28 9.18 -18.58
N TRP A 236 -7.31 9.56 -19.41
CA TRP A 236 -7.43 10.80 -20.19
C TRP A 236 -7.48 10.64 -21.72
N ALA A 237 -7.06 9.48 -22.25
CA ALA A 237 -6.82 9.34 -23.69
C ALA A 237 -8.06 9.05 -24.53
N THR A 238 -9.15 8.61 -23.89
CA THR A 238 -10.43 8.40 -24.59
C THR A 238 -11.63 8.83 -23.76
N VAL A 239 -12.74 9.14 -24.43
CA VAL A 239 -14.02 9.28 -23.75
C VAL A 239 -15.04 8.29 -24.33
N SER A 240 -16.06 7.93 -23.56
CA SER A 240 -17.20 7.18 -24.10
C SER A 240 -17.96 8.03 -25.14
N ALA A 241 -18.76 7.37 -25.97
CA ALA A 241 -19.65 8.06 -26.91
C ALA A 241 -20.54 9.08 -26.20
N GLY A 242 -21.17 8.64 -25.10
CA GLY A 242 -22.05 9.52 -24.33
C GLY A 242 -21.35 10.78 -23.86
N GLU A 243 -20.15 10.59 -23.30
CA GLU A 243 -19.37 11.71 -22.80
C GLU A 243 -18.93 12.65 -23.93
N ALA A 244 -18.54 12.08 -25.07
CA ALA A 244 -18.19 12.92 -26.23
C ALA A 244 -19.40 13.71 -26.72
N ARG A 245 -20.55 13.04 -26.79
CA ARG A 245 -21.78 13.69 -27.22
C ARG A 245 -22.11 14.87 -26.33
N ARG A 246 -22.03 14.64 -25.02
CA ARG A 246 -22.31 15.66 -24.02
C ARG A 246 -21.39 16.89 -24.14
N ARG A 247 -20.08 16.65 -24.23
CA ARG A 247 -19.13 17.75 -24.39
C ARG A 247 -19.34 18.51 -25.68
N ALA A 248 -19.68 17.79 -26.75
CA ALA A 248 -19.90 18.42 -28.04
C ALA A 248 -21.15 19.29 -28.02
N THR A 249 -22.23 18.77 -27.44
CA THR A 249 -23.47 19.52 -27.41
C THR A 249 -23.34 20.79 -26.55
N LEU A 250 -22.73 20.63 -25.37
CA LEU A 250 -22.41 21.77 -24.50
C LEU A 250 -21.56 22.84 -25.19
N LEU A 251 -20.52 22.43 -25.89
CA LEU A 251 -19.68 23.41 -26.56
C LEU A 251 -20.48 24.20 -27.58
N ALA A 252 -21.41 23.52 -28.26
CA ALA A 252 -22.29 24.16 -29.25
C ALA A 252 -23.14 25.25 -28.61
N ARG A 253 -23.83 24.88 -27.52
CA ARG A 253 -24.56 25.86 -26.70
C ARG A 253 -23.72 27.10 -26.42
N LEU A 254 -22.52 26.89 -25.87
CA LEU A 254 -21.60 27.99 -25.55
C LEU A 254 -21.30 28.95 -26.70
N VAL A 255 -21.34 28.46 -27.95
CA VAL A 255 -21.03 29.33 -29.09
C VAL A 255 -22.27 29.83 -29.88
N GLY A 256 -23.43 29.25 -29.56
CA GLY A 256 -24.70 29.69 -30.11
C GLY A 256 -25.43 28.68 -30.98
N CYS A 257 -25.61 27.45 -30.49
CA CYS A 257 -26.10 26.37 -31.34
C CYS A 257 -27.01 25.35 -30.61
N ASN A 265 -31.62 17.30 -33.58
CA ASN A 265 -31.04 16.88 -34.86
C ASN A 265 -29.55 17.27 -35.01
N ASP A 266 -28.69 16.25 -35.18
CA ASP A 266 -27.25 16.46 -35.29
C ASP A 266 -26.85 17.37 -36.46
N THR A 267 -27.46 17.15 -37.62
CA THR A 267 -27.13 17.89 -38.83
C THR A 267 -27.18 19.41 -38.63
N GLU A 268 -28.28 19.91 -38.09
CA GLU A 268 -28.45 21.35 -37.93
C GLU A 268 -27.42 21.91 -36.93
N LEU A 269 -27.10 21.10 -35.93
CA LEU A 269 -26.12 21.47 -34.92
C LEU A 269 -24.74 21.70 -35.54
N ILE A 270 -24.25 20.67 -36.24
CA ILE A 270 -22.94 20.71 -36.87
C ILE A 270 -22.85 21.80 -37.93
N ALA A 271 -23.91 21.92 -38.73
CA ALA A 271 -23.97 22.97 -39.74
C ALA A 271 -23.75 24.34 -39.11
N CYS A 272 -24.31 24.54 -37.93
CA CYS A 272 -24.13 25.81 -37.22
C CYS A 272 -22.68 25.95 -36.74
N LEU A 273 -22.19 24.94 -36.02
CA LEU A 273 -20.78 24.84 -35.65
C LEU A 273 -19.81 25.17 -36.80
N ARG A 274 -20.11 24.71 -38.02
CA ARG A 274 -19.27 24.99 -39.19
C ARG A 274 -19.27 26.47 -39.63
N THR A 275 -20.28 27.22 -39.20
CA THR A 275 -20.35 28.65 -39.52
C THR A 275 -19.55 29.48 -38.52
N ARG A 276 -19.16 28.87 -37.39
CA ARG A 276 -18.43 29.60 -36.36
C ARG A 276 -16.96 29.75 -36.75
N PRO A 277 -16.35 30.89 -36.40
CA PRO A 277 -14.91 31.03 -36.65
C PRO A 277 -14.11 30.03 -35.80
N ALA A 278 -12.93 29.64 -36.27
CA ALA A 278 -12.10 28.72 -35.50
C ALA A 278 -11.85 29.24 -34.07
N GLN A 279 -11.47 30.52 -33.97
CA GLN A 279 -11.10 31.09 -32.68
C GLN A 279 -12.21 31.07 -31.62
N ASP A 280 -13.47 31.15 -32.04
CA ASP A 280 -14.61 30.99 -31.12
C ASP A 280 -14.64 29.61 -30.45
N LEU A 281 -14.27 28.58 -31.21
CA LEU A 281 -14.30 27.22 -30.68
C LEU A 281 -13.14 27.01 -29.70
N VAL A 282 -11.95 27.47 -30.06
CA VAL A 282 -10.81 27.44 -29.15
C VAL A 282 -11.13 28.18 -27.83
N ASP A 283 -11.85 29.32 -27.94
CA ASP A 283 -12.21 30.14 -26.76
C ASP A 283 -13.12 29.46 -25.72
N HIS A 284 -13.85 28.41 -26.11
CA HIS A 284 -14.76 27.74 -25.18
C HIS A 284 -14.41 26.28 -24.93
N GLU A 285 -13.36 25.83 -25.61
CA GLU A 285 -12.86 24.46 -25.51
C GLU A 285 -12.69 23.95 -24.07
N TRP A 286 -12.19 24.78 -23.16
CA TRP A 286 -11.89 24.31 -21.80
C TRP A 286 -13.07 24.35 -20.82
N HIS A 287 -14.21 24.83 -21.30
CA HIS A 287 -15.38 24.99 -20.44
C HIS A 287 -16.30 23.78 -20.43
N VAL A 288 -15.92 22.68 -21.08
CA VAL A 288 -16.84 21.55 -21.19
C VAL A 288 -16.48 20.34 -20.30
N LEU A 289 -15.39 20.45 -19.55
CA LEU A 289 -14.97 19.35 -18.65
C LEU A 289 -15.91 19.24 -17.45
N PRO A 290 -16.23 18.00 -17.02
CA PRO A 290 -17.21 17.70 -15.97
C PRO A 290 -16.78 18.16 -14.58
N GLN A 291 -15.48 18.07 -14.29
CA GLN A 291 -14.94 18.46 -12.99
C GLN A 291 -13.72 19.35 -13.18
N GLU A 292 -13.36 20.06 -12.12
CA GLU A 292 -12.09 20.76 -12.05
C GLU A 292 -10.98 19.70 -12.04
N SER A 293 -9.97 19.86 -12.90
CA SER A 293 -9.03 18.76 -13.11
C SER A 293 -7.69 19.18 -13.71
N ILE A 294 -6.69 18.30 -13.59
CA ILE A 294 -5.50 18.39 -14.44
C ILE A 294 -5.35 17.06 -15.18
N PHE A 295 -4.60 17.07 -16.28
CA PHE A 295 -4.41 15.86 -17.07
C PHE A 295 -5.76 15.29 -17.57
N ARG A 296 -6.69 16.18 -17.87
CA ARG A 296 -7.91 15.86 -18.63
C ARG A 296 -8.06 16.89 -19.75
N PHE A 297 -8.48 16.42 -20.93
CA PHE A 297 -8.55 17.29 -22.09
C PHE A 297 -9.91 17.13 -22.73
N SER A 298 -10.45 18.21 -23.28
CA SER A 298 -11.87 18.24 -23.65
C SER A 298 -12.22 17.32 -24.82
N PHE A 299 -11.37 17.32 -25.84
CA PHE A 299 -11.69 16.62 -27.07
C PHE A 299 -10.62 15.61 -27.43
N VAL A 300 -10.92 14.35 -27.13
CA VAL A 300 -9.95 13.26 -27.27
C VAL A 300 -10.55 12.11 -28.11
N PRO A 301 -9.75 11.07 -28.44
CA PRO A 301 -10.37 9.96 -29.18
C PRO A 301 -11.60 9.36 -28.47
N VAL A 302 -12.65 9.07 -29.24
CA VAL A 302 -13.86 8.49 -28.68
C VAL A 302 -13.98 6.98 -29.00
N VAL A 303 -14.56 6.21 -28.06
CA VAL A 303 -14.88 4.80 -28.32
C VAL A 303 -16.13 4.71 -29.20
N ASP A 304 -15.90 4.65 -30.52
CA ASP A 304 -16.98 4.80 -31.49
C ASP A 304 -17.57 3.49 -32.01
N GLY A 305 -16.93 2.37 -31.70
CA GLY A 305 -17.29 1.09 -32.30
C GLY A 305 -16.86 1.03 -33.76
N ASP A 306 -15.90 1.89 -34.13
CA ASP A 306 -15.37 1.94 -35.50
C ASP A 306 -13.84 1.90 -35.47
N PHE A 307 -13.22 3.08 -35.45
CA PHE A 307 -11.78 3.17 -35.20
C PHE A 307 -11.42 2.34 -33.97
N LEU A 308 -12.16 2.55 -32.89
CA LEU A 308 -12.02 1.73 -31.69
C LEU A 308 -13.27 0.86 -31.52
N SER A 309 -13.10 -0.45 -31.67
CA SER A 309 -14.23 -1.37 -31.65
C SER A 309 -14.79 -1.56 -30.23
N ASP A 310 -13.92 -1.41 -29.24
CA ASP A 310 -14.30 -1.47 -27.83
C ASP A 310 -13.37 -0.51 -27.07
N THR A 311 -13.47 -0.44 -25.74
CA THR A 311 -12.52 0.36 -24.98
C THR A 311 -11.11 -0.18 -25.14
N PRO A 312 -10.09 0.70 -25.08
CA PRO A 312 -8.70 0.25 -25.13
C PRO A 312 -8.36 -0.78 -24.06
N GLU A 313 -8.92 -0.62 -22.86
CA GLU A 313 -8.77 -1.60 -21.77
C GLU A 313 -9.19 -3.00 -22.26
N ALA A 314 -10.37 -3.08 -22.87
CA ALA A 314 -10.89 -4.33 -23.40
C ALA A 314 -10.05 -4.89 -24.55
N LEU A 315 -9.65 -4.03 -25.48
CA LEU A 315 -8.85 -4.45 -26.64
C LEU A 315 -7.46 -4.99 -26.30
N ILE A 316 -6.90 -4.57 -25.18
CA ILE A 316 -5.58 -5.07 -24.80
C ILE A 316 -5.66 -6.31 -23.91
N ASN A 317 -6.82 -6.54 -23.28
CA ASN A 317 -7.03 -7.75 -22.48
C ASN A 317 -7.20 -8.97 -23.38
N THR A 318 -7.78 -8.74 -24.55
CA THR A 318 -8.22 -9.82 -25.43
C THR A 318 -7.58 -9.75 -26.82
N GLY A 319 -6.38 -9.20 -26.91
CA GLY A 319 -5.78 -8.95 -28.21
C GLY A 319 -4.66 -9.91 -28.57
N ASP A 320 -4.57 -10.22 -29.86
CA ASP A 320 -3.46 -11.02 -30.36
C ASP A 320 -2.32 -10.11 -30.85
N PHE A 321 -1.21 -10.14 -30.13
CA PHE A 321 -0.06 -9.28 -30.44
C PHE A 321 1.18 -10.12 -30.70
N GLN A 322 0.99 -11.23 -31.42
CA GLN A 322 2.08 -12.15 -31.70
C GLN A 322 3.17 -11.51 -32.55
N ASP A 323 2.76 -10.78 -33.60
CA ASP A 323 3.71 -10.20 -34.54
C ASP A 323 4.18 -8.78 -34.16
N LEU A 324 4.19 -8.47 -32.88
CA LEU A 324 4.38 -7.08 -32.47
C LEU A 324 5.62 -6.84 -31.61
N GLN A 325 6.49 -5.96 -32.09
CA GLN A 325 7.58 -5.48 -31.27
C GLN A 325 7.34 -4.03 -30.84
N VAL A 326 7.56 -3.79 -29.55
CA VAL A 326 7.13 -2.56 -28.93
C VAL A 326 8.15 -2.11 -27.90
N LEU A 327 8.48 -0.82 -27.94
CA LEU A 327 9.31 -0.22 -26.92
C LEU A 327 8.45 0.82 -26.17
N VAL A 328 8.41 0.72 -24.86
CA VAL A 328 7.61 1.63 -24.03
C VAL A 328 8.43 2.14 -22.87
N GLY A 329 8.10 3.33 -22.38
CA GLY A 329 8.75 3.85 -21.20
C GLY A 329 8.12 5.10 -20.63
N VAL A 330 8.76 5.65 -19.60
CA VAL A 330 8.28 6.83 -18.90
C VAL A 330 9.47 7.64 -18.41
N VAL A 331 9.23 8.90 -18.05
CA VAL A 331 10.27 9.74 -17.44
C VAL A 331 10.18 9.64 -15.92
N LYS A 332 11.23 10.03 -15.22
CA LYS A 332 11.28 9.96 -13.76
C LYS A 332 10.10 10.67 -13.08
N ASP A 333 9.72 11.85 -13.58
CA ASP A 333 8.65 12.63 -12.95
C ASP A 333 7.48 12.99 -13.88
N GLU A 334 6.68 11.97 -14.18
CA GLU A 334 5.54 12.10 -15.08
C GLU A 334 4.48 13.12 -14.62
N GLY A 335 4.37 13.31 -13.31
CA GLY A 335 3.28 14.08 -12.75
C GLY A 335 3.54 15.55 -12.51
N SER A 336 4.81 15.94 -12.55
CA SER A 336 5.18 17.26 -12.07
C SER A 336 4.70 18.43 -12.96
N TYR A 337 4.76 18.25 -14.28
CA TYR A 337 4.47 19.32 -15.25
C TYR A 337 3.10 19.96 -15.05
N PHE A 338 2.09 19.13 -14.84
N PHE A 338 2.06 19.15 -14.89
CA PHE A 338 0.71 19.59 -14.86
CA PHE A 338 0.71 19.65 -14.89
C PHE A 338 0.26 20.23 -13.55
C PHE A 338 0.22 20.17 -13.54
N LEU A 339 1.03 20.00 -12.49
CA LEU A 339 0.67 20.53 -11.18
C LEU A 339 0.62 22.06 -11.19
N VAL A 340 1.47 22.70 -12.00
CA VAL A 340 1.49 24.17 -12.02
C VAL A 340 0.34 24.73 -12.84
N TYR A 341 -0.42 23.85 -13.48
CA TYR A 341 -1.60 24.26 -14.25
C TYR A 341 -2.91 24.09 -13.49
N GLY A 342 -2.86 24.13 -12.16
CA GLY A 342 -4.10 24.20 -11.42
C GLY A 342 -4.28 23.33 -10.19
N VAL A 343 -3.17 22.87 -9.62
CA VAL A 343 -3.22 22.45 -8.22
C VAL A 343 -2.74 23.64 -7.39
N PRO A 344 -3.61 24.15 -6.51
CA PRO A 344 -3.20 25.31 -5.70
C PRO A 344 -2.01 24.94 -4.80
N GLY A 345 -1.00 25.81 -4.76
CA GLY A 345 0.22 25.53 -4.02
C GLY A 345 1.42 25.40 -4.91
N PHE A 346 1.20 24.98 -6.16
CA PHE A 346 2.32 24.69 -7.09
C PHE A 346 2.60 25.83 -8.05
N SER A 347 3.89 26.04 -8.30
CA SER A 347 4.38 27.09 -9.18
C SER A 347 5.78 26.75 -9.65
N LYS A 348 6.16 27.29 -10.81
CA LYS A 348 7.55 27.17 -11.23
C LYS A 348 8.43 28.13 -10.41
N ASP A 349 7.82 29.15 -9.81
CA ASP A 349 8.62 30.23 -9.20
C ASP A 349 9.02 30.04 -7.72
N ASN A 350 8.52 28.99 -7.09
CA ASN A 350 8.99 28.62 -5.77
C ASN A 350 9.13 27.10 -5.63
N GLU A 351 9.39 26.63 -4.43
CA GLU A 351 9.67 25.21 -4.18
C GLU A 351 8.40 24.37 -4.07
N SER A 352 7.27 25.06 -4.10
CA SER A 352 5.94 24.45 -4.03
C SER A 352 5.82 23.45 -2.87
N LEU A 353 6.33 23.83 -1.71
CA LEU A 353 6.05 23.05 -0.50
C LEU A 353 4.59 23.31 -0.11
N ILE A 354 3.79 22.25 -0.06
CA ILE A 354 2.36 22.41 0.21
C ILE A 354 1.95 21.85 1.56
N SER A 355 0.76 22.23 2.00
CA SER A 355 0.21 21.74 3.26
C SER A 355 -0.54 20.43 3.03
N ARG A 356 -0.91 19.77 4.11
CA ARG A 356 -1.69 18.55 4.03
C ARG A 356 -3.07 18.85 3.41
N ALA A 357 -3.62 20.03 3.71
CA ALA A 357 -4.92 20.41 3.17
C ALA A 357 -4.83 20.57 1.65
N GLN A 358 -3.80 21.27 1.19
CA GLN A 358 -3.57 21.43 -0.25
C GLN A 358 -3.38 20.08 -0.94
N PHE A 359 -2.79 19.12 -0.24
CA PHE A 359 -2.60 17.77 -0.79
C PHE A 359 -3.95 17.07 -0.96
N LEU A 360 -4.78 17.08 0.08
CA LEU A 360 -6.13 16.55 0.00
C LEU A 360 -6.93 17.18 -1.16
N ALA A 361 -6.91 18.51 -1.26
CA ALA A 361 -7.54 19.21 -2.38
C ALA A 361 -6.91 18.79 -3.71
N GLY A 362 -5.58 18.72 -3.75
CA GLY A 362 -4.84 18.33 -4.94
C GLY A 362 -5.28 16.96 -5.46
N VAL A 363 -5.55 16.03 -4.55
CA VAL A 363 -5.92 14.68 -4.91
C VAL A 363 -7.29 14.64 -5.60
N ARG A 364 -8.20 15.51 -5.17
CA ARG A 364 -9.52 15.62 -5.80
C ARG A 364 -9.41 16.15 -7.23
N ILE A 365 -8.51 17.12 -7.44
CA ILE A 365 -8.30 17.72 -8.74
C ILE A 365 -7.54 16.78 -9.69
N GLY A 366 -6.56 16.06 -9.15
CA GLY A 366 -5.73 15.16 -9.93
C GLY A 366 -6.36 13.80 -10.23
N VAL A 367 -7.32 13.40 -9.41
CA VAL A 367 -8.12 12.19 -9.66
C VAL A 367 -9.58 12.63 -9.69
N PRO A 368 -9.97 13.38 -10.74
CA PRO A 368 -11.28 14.06 -10.69
C PRO A 368 -12.49 13.12 -10.75
N GLN A 369 -12.25 11.86 -11.07
N GLN A 369 -12.26 11.85 -11.06
CA GLN A 369 -13.33 10.88 -11.17
CA GLN A 369 -13.34 10.86 -11.14
C GLN A 369 -13.45 10.00 -9.90
C GLN A 369 -13.49 10.02 -9.87
N ALA A 370 -12.71 10.32 -8.84
CA ALA A 370 -12.80 9.55 -7.60
C ALA A 370 -13.97 9.96 -6.70
N SER A 371 -14.66 8.95 -6.17
CA SER A 371 -15.61 9.13 -5.07
C SER A 371 -14.85 9.57 -3.82
N ASP A 372 -15.56 9.90 -2.76
CA ASP A 372 -14.89 10.34 -1.53
C ASP A 372 -14.05 9.20 -0.98
N LEU A 373 -14.61 8.00 -1.04
CA LEU A 373 -13.91 6.81 -0.57
C LEU A 373 -12.65 6.50 -1.38
N ALA A 374 -12.75 6.53 -2.71
CA ALA A 374 -11.57 6.28 -3.56
C ALA A 374 -10.46 7.32 -3.34
N ALA A 375 -10.85 8.58 -3.16
CA ALA A 375 -9.88 9.64 -2.87
C ALA A 375 -9.25 9.41 -1.50
N GLU A 376 -10.02 8.84 -0.58
CA GLU A 376 -9.49 8.48 0.73
C GLU A 376 -8.42 7.41 0.57
N ALA A 377 -8.69 6.39 -0.23
CA ALA A 377 -7.72 5.34 -0.54
C ALA A 377 -6.41 5.90 -1.15
N VAL A 378 -6.53 6.79 -2.14
CA VAL A 378 -5.35 7.43 -2.72
C VAL A 378 -4.54 8.12 -1.64
N VAL A 379 -5.20 8.96 -0.86
CA VAL A 379 -4.54 9.72 0.21
C VAL A 379 -3.87 8.80 1.23
N LEU A 380 -4.56 7.71 1.56
CA LEU A 380 -4.03 6.74 2.51
C LEU A 380 -2.74 6.10 1.99
N HIS A 381 -2.76 5.65 0.74
CA HIS A 381 -1.61 5.02 0.12
C HIS A 381 -0.38 5.95 -0.04
N TYR A 382 -0.64 7.19 -0.42
CA TYR A 382 0.46 8.13 -0.73
C TYR A 382 0.94 8.99 0.46
N THR A 383 0.19 9.01 1.56
CA THR A 383 0.68 9.64 2.78
C THR A 383 1.85 8.83 3.34
N ASP A 384 2.90 9.52 3.79
CA ASP A 384 3.95 8.91 4.59
C ASP A 384 3.56 9.05 6.07
N TRP A 385 3.17 7.95 6.70
CA TRP A 385 2.60 8.03 8.04
C TRP A 385 3.59 8.31 9.19
N LEU A 386 4.89 8.24 8.90
CA LEU A 386 5.89 8.82 9.81
C LEU A 386 5.88 10.34 9.81
N HIS A 387 5.74 10.94 8.62
CA HIS A 387 5.74 12.39 8.45
C HIS A 387 4.56 12.90 7.63
N PRO A 388 3.32 12.68 8.11
CA PRO A 388 2.05 12.95 7.39
C PRO A 388 1.87 14.40 6.98
N GLU A 389 2.64 15.31 7.58
CA GLU A 389 2.43 16.76 7.37
C GLU A 389 3.64 17.44 6.77
N ASP A 390 4.65 16.63 6.41
CA ASP A 390 5.90 17.16 5.86
C ASP A 390 5.70 17.71 4.43
N PRO A 391 5.92 19.03 4.26
CA PRO A 391 5.66 19.77 3.02
C PRO A 391 6.41 19.22 1.81
N THR A 392 7.65 18.79 2.00
CA THR A 392 8.42 18.21 0.88
C THR A 392 7.87 16.84 0.44
N HIS A 393 7.49 15.98 1.38
N HIS A 393 7.48 15.96 1.33
CA HIS A 393 6.90 14.71 0.99
CA HIS A 393 6.83 14.74 0.97
C HIS A 393 5.56 14.91 0.33
C HIS A 393 5.60 15.02 0.26
N LEU A 394 4.73 15.78 0.90
CA LEU A 394 3.41 16.05 0.35
C LEU A 394 3.49 16.59 -1.09
N ARG A 395 4.41 17.54 -1.31
CA ARG A 395 4.66 18.05 -2.65
C ARG A 395 5.03 16.90 -3.60
N ASP A 396 5.98 16.04 -3.20
CA ASP A 396 6.42 14.95 -4.07
C ASP A 396 5.35 13.86 -4.22
N ALA A 397 4.52 13.70 -3.21
CA ALA A 397 3.47 12.69 -3.29
C ALA A 397 2.40 13.13 -4.27
N MET A 398 2.11 14.44 -4.30
CA MET A 398 1.12 14.97 -5.22
C MET A 398 1.57 14.74 -6.67
N SER A 399 2.85 14.97 -6.93
CA SER A 399 3.43 14.69 -8.23
C SER A 399 3.31 13.19 -8.58
N ALA A 400 3.63 12.34 -7.63
CA ALA A 400 3.55 10.89 -7.83
C ALA A 400 2.12 10.43 -8.13
N VAL A 401 1.15 11.00 -7.41
CA VAL A 401 -0.26 10.66 -7.63
C VAL A 401 -0.68 10.93 -9.09
N VAL A 402 -0.33 12.10 -9.60
CA VAL A 402 -0.68 12.49 -10.96
C VAL A 402 0.04 11.63 -12.00
N GLY A 403 1.35 11.47 -11.83
CA GLY A 403 2.15 10.67 -12.74
C GLY A 403 1.76 9.21 -12.81
N ASP A 404 1.58 8.59 -11.65
CA ASP A 404 1.23 7.17 -11.59
C ASP A 404 -0.15 6.90 -12.18
N HIS A 405 -1.11 7.74 -11.81
CA HIS A 405 -2.48 7.58 -12.27
C HIS A 405 -2.58 7.75 -13.80
N ASN A 406 -1.83 8.70 -14.35
CA ASN A 406 -2.03 9.08 -15.75
C ASN A 406 -1.09 8.38 -16.74
N VAL A 407 0.10 8.02 -16.29
CA VAL A 407 1.11 7.50 -17.21
C VAL A 407 1.71 6.18 -16.72
N VAL A 408 2.44 6.21 -15.60
CA VAL A 408 3.24 5.07 -15.15
C VAL A 408 2.41 3.81 -14.97
N CYS A 409 1.25 3.92 -14.32
CA CYS A 409 0.43 2.73 -14.16
C CYS A 409 -0.30 2.25 -15.42
N PRO A 410 -0.87 3.20 -16.21
CA PRO A 410 -1.33 2.80 -17.55
C PRO A 410 -0.26 2.11 -18.42
N VAL A 411 0.99 2.58 -18.35
CA VAL A 411 2.09 1.99 -19.13
C VAL A 411 2.45 0.57 -18.63
N ALA A 412 2.56 0.41 -17.31
CA ALA A 412 2.76 -0.92 -16.71
C ALA A 412 1.64 -1.90 -17.10
N GLN A 413 0.40 -1.44 -17.02
CA GLN A 413 -0.75 -2.23 -17.43
C GLN A 413 -0.62 -2.67 -18.91
N LEU A 414 -0.35 -1.69 -19.79
CA LEU A 414 -0.16 -1.99 -21.21
C LEU A 414 1.01 -2.95 -21.49
N ALA A 415 2.16 -2.74 -20.83
CA ALA A 415 3.34 -3.60 -21.05
C ALA A 415 3.07 -5.08 -20.68
N GLY A 416 2.44 -5.27 -19.53
CA GLY A 416 2.09 -6.60 -19.07
C GLY A 416 1.09 -7.28 -19.99
N ARG A 417 0.06 -6.57 -20.40
CA ARG A 417 -0.97 -7.19 -21.23
C ARG A 417 -0.44 -7.53 -22.63
N LEU A 418 0.49 -6.71 -23.13
CA LEU A 418 1.13 -6.99 -24.41
C LEU A 418 2.06 -8.20 -24.34
N ALA A 419 2.91 -8.24 -23.32
CA ALA A 419 3.85 -9.35 -23.15
C ALA A 419 3.12 -10.70 -22.98
N ALA A 420 2.06 -10.69 -22.17
CA ALA A 420 1.28 -11.90 -21.93
C ALA A 420 0.52 -12.37 -23.17
N GLN A 421 0.49 -11.56 -24.22
CA GLN A 421 -0.33 -11.89 -25.39
C GLN A 421 0.43 -11.90 -26.70
N GLY A 422 1.73 -12.21 -26.62
CA GLY A 422 2.54 -12.43 -27.80
C GLY A 422 3.66 -11.44 -28.05
N ALA A 423 3.53 -10.22 -27.53
CA ALA A 423 4.39 -9.13 -27.99
C ALA A 423 5.79 -9.21 -27.43
N ARG A 424 6.77 -8.81 -28.23
CA ARG A 424 8.11 -8.54 -27.73
C ARG A 424 8.10 -7.10 -27.20
N VAL A 425 8.30 -6.94 -25.89
CA VAL A 425 8.22 -5.64 -25.23
C VAL A 425 9.55 -5.27 -24.59
N TYR A 426 10.02 -4.04 -24.82
CA TYR A 426 11.20 -3.49 -24.14
C TYR A 426 10.75 -2.26 -23.35
N ALA A 427 11.26 -2.12 -22.13
CA ALA A 427 10.75 -1.09 -21.22
C ALA A 427 11.88 -0.27 -20.62
N TYR A 428 11.64 1.02 -20.40
CA TYR A 428 12.67 1.91 -19.84
C TYR A 428 12.05 2.93 -18.87
N ILE A 429 12.90 3.51 -18.03
CA ILE A 429 12.58 4.74 -17.33
C ILE A 429 13.70 5.73 -17.64
N PHE A 430 13.34 6.90 -18.14
CA PHE A 430 14.31 7.94 -18.49
C PHE A 430 14.55 8.83 -17.26
N GLU A 431 15.80 8.98 -16.85
CA GLU A 431 16.06 9.61 -15.56
C GLU A 431 17.02 10.79 -15.61
N HIS A 432 17.40 11.22 -16.79
CA HIS A 432 18.37 12.29 -16.86
C HIS A 432 17.72 13.68 -17.06
N ARG A 433 17.97 14.58 -16.13
CA ARG A 433 17.46 15.95 -16.26
C ARG A 433 18.47 16.78 -17.05
N ALA A 434 18.03 17.33 -18.17
CA ALA A 434 18.93 18.06 -19.07
C ALA A 434 19.56 19.26 -18.35
N SER A 435 20.83 19.50 -18.65
CA SER A 435 21.55 20.65 -18.08
C SER A 435 20.87 21.97 -18.46
N THR A 436 20.13 21.94 -19.58
CA THR A 436 19.51 23.11 -20.17
C THR A 436 18.10 23.42 -19.66
N LEU A 437 17.54 22.55 -18.82
CA LEU A 437 16.14 22.65 -18.42
C LEU A 437 15.83 23.97 -17.71
N THR A 438 14.68 24.56 -18.00
CA THR A 438 14.33 25.85 -17.42
C THR A 438 13.33 25.74 -16.26
N TRP A 439 12.68 24.59 -16.16
CA TRP A 439 11.83 24.30 -15.01
C TRP A 439 12.67 24.11 -13.76
N PRO A 440 12.06 24.32 -12.57
CA PRO A 440 12.78 24.20 -11.29
C PRO A 440 13.23 22.79 -11.01
N LEU A 441 14.19 22.66 -10.10
CA LEU A 441 14.68 21.36 -9.68
C LEU A 441 13.61 20.46 -9.10
N TRP A 442 12.61 21.02 -8.44
CA TRP A 442 11.64 20.15 -7.77
C TRP A 442 10.81 19.34 -8.78
N MET A 443 10.68 19.85 -10.00
CA MET A 443 9.95 19.12 -11.04
C MET A 443 10.72 17.96 -11.62
N GLY A 444 11.97 17.79 -11.20
CA GLY A 444 12.79 16.65 -11.62
C GLY A 444 12.93 16.52 -13.13
N VAL A 445 12.53 15.37 -13.68
CA VAL A 445 12.53 15.13 -15.13
C VAL A 445 11.08 15.06 -15.59
N PRO A 446 10.55 16.19 -16.07
CA PRO A 446 9.13 16.22 -16.42
C PRO A 446 8.84 15.57 -17.79
N HIS A 447 7.58 15.24 -18.03
N HIS A 447 7.59 15.23 -18.07
CA HIS A 447 7.04 14.84 -19.34
CA HIS A 447 7.27 14.53 -19.31
C HIS A 447 7.71 15.55 -20.51
C HIS A 447 7.47 15.42 -20.55
N GLY A 448 8.08 14.81 -21.55
CA GLY A 448 8.50 15.48 -22.77
C GLY A 448 9.95 15.88 -22.80
N TYR A 449 10.65 15.74 -21.68
CA TYR A 449 12.06 16.18 -21.65
C TYR A 449 13.09 15.09 -21.98
N GLU A 450 12.60 13.94 -22.44
CA GLU A 450 13.45 12.95 -23.06
C GLU A 450 13.61 13.19 -24.57
N ILE A 451 12.61 13.84 -25.16
CA ILE A 451 12.46 13.95 -26.62
C ILE A 451 13.68 14.53 -27.31
N GLU A 452 14.21 15.62 -26.75
CA GLU A 452 15.37 16.30 -27.33
C GLU A 452 16.59 15.38 -27.44
N PHE A 453 16.69 14.41 -26.51
CA PHE A 453 17.79 13.44 -26.56
C PHE A 453 17.60 12.38 -27.64
N ILE A 454 16.39 11.81 -27.74
CA ILE A 454 16.09 10.85 -28.81
C ILE A 454 16.33 11.46 -30.20
N PHE A 455 15.97 12.72 -30.40
CA PHE A 455 16.15 13.37 -31.72
C PHE A 455 17.57 13.88 -31.91
N GLY A 456 18.38 13.80 -30.84
CA GLY A 456 19.78 14.15 -30.89
C GLY A 456 20.12 15.64 -31.02
N LEU A 457 19.27 16.51 -30.47
CA LEU A 457 19.61 17.93 -30.38
C LEU A 457 20.97 18.24 -29.72
N PRO A 458 21.36 17.51 -28.66
CA PRO A 458 22.68 17.79 -28.06
C PRO A 458 23.87 17.75 -29.03
N LEU A 459 23.72 17.08 -30.17
CA LEU A 459 24.76 17.08 -31.21
C LEU A 459 25.01 18.47 -31.83
N ASP A 460 24.04 19.37 -31.64
CA ASP A 460 24.19 20.76 -32.11
C ASP A 460 25.01 21.57 -31.09
N PRO A 461 26.24 21.95 -31.48
CA PRO A 461 27.19 22.58 -30.55
C PRO A 461 26.67 23.93 -30.02
N SER A 462 25.87 24.61 -30.82
CA SER A 462 25.22 25.87 -30.40
C SER A 462 24.19 25.76 -29.26
N LEU A 463 23.88 24.55 -28.80
CA LEU A 463 22.81 24.40 -27.80
C LEU A 463 23.26 24.30 -26.33
N ASN A 464 24.56 24.20 -26.12
CA ASN A 464 25.14 24.25 -24.76
C ASN A 464 24.83 23.03 -23.87
N TYR A 465 24.60 21.88 -24.50
CA TYR A 465 24.60 20.61 -23.79
C TYR A 465 26.03 20.19 -23.46
N THR A 466 26.20 19.48 -22.36
CA THR A 466 27.52 18.95 -21.96
C THR A 466 27.94 17.79 -22.88
N THR A 467 29.24 17.48 -22.86
CA THR A 467 29.78 16.42 -23.70
C THR A 467 29.21 15.05 -23.35
N GLU A 468 28.96 14.82 -22.07
CA GLU A 468 28.34 13.58 -21.65
C GLU A 468 26.91 13.48 -22.19
N GLU A 469 26.24 14.63 -22.28
CA GLU A 469 24.91 14.70 -22.87
C GLU A 469 24.95 14.43 -24.38
N ARG A 470 26.03 14.84 -25.04
CA ARG A 470 26.24 14.53 -26.46
C ARG A 470 26.42 13.01 -26.69
N ILE A 471 27.19 12.36 -25.81
CA ILE A 471 27.41 10.91 -25.90
C ILE A 471 26.13 10.14 -25.56
N PHE A 472 25.39 10.67 -24.59
CA PHE A 472 24.15 10.06 -24.13
C PHE A 472 23.11 10.11 -25.25
N ALA A 473 23.01 11.26 -25.90
CA ALA A 473 22.09 11.44 -27.04
C ALA A 473 22.35 10.40 -28.13
N GLN A 474 23.62 10.23 -28.50
CA GLN A 474 24.02 9.22 -29.47
C GLN A 474 23.66 7.80 -29.04
N ARG A 475 23.80 7.53 -27.75
CA ARG A 475 23.44 6.23 -27.23
C ARG A 475 21.96 5.92 -27.48
N LEU A 476 21.10 6.90 -27.14
CA LEU A 476 19.65 6.77 -27.30
C LEU A 476 19.23 6.68 -28.77
N MET A 477 19.82 7.52 -29.63
CA MET A 477 19.54 7.44 -31.07
C MET A 477 19.84 6.04 -31.59
N LYS A 478 20.90 5.42 -31.06
CA LYS A 478 21.27 4.06 -31.45
C LYS A 478 20.21 3.05 -31.00
N TYR A 479 19.79 3.16 -29.72
CA TYR A 479 18.75 2.28 -29.18
C TYR A 479 17.50 2.32 -30.04
N TRP A 480 17.03 3.54 -30.31
CA TRP A 480 15.81 3.76 -31.07
C TRP A 480 15.93 3.24 -32.52
N THR A 481 17.02 3.59 -33.22
CA THR A 481 17.21 3.14 -34.60
C THR A 481 17.55 1.64 -34.71
N ASN A 482 18.24 1.07 -33.73
CA ASN A 482 18.38 -0.39 -33.71
C ASN A 482 17.01 -1.04 -33.60
N PHE A 483 16.21 -0.56 -32.66
CA PHE A 483 14.85 -1.07 -32.50
C PHE A 483 14.02 -0.96 -33.80
N ALA A 484 14.09 0.20 -34.46
CA ALA A 484 13.38 0.37 -35.73
C ALA A 484 13.84 -0.66 -36.78
N ARG A 485 15.15 -0.90 -36.85
CA ARG A 485 15.71 -1.87 -37.80
C ARG A 485 15.35 -3.33 -37.49
N THR A 486 15.50 -3.74 -36.24
CA THR A 486 15.54 -5.16 -35.89
C THR A 486 14.49 -5.62 -34.90
N GLY A 487 13.82 -4.67 -34.24
CA GLY A 487 12.94 -4.98 -33.13
C GLY A 487 13.70 -5.22 -31.82
N ASP A 488 14.96 -4.79 -31.78
CA ASP A 488 15.84 -5.02 -30.65
C ASP A 488 16.72 -3.79 -30.46
N PRO A 489 16.62 -3.13 -29.29
CA PRO A 489 17.42 -1.93 -29.02
C PRO A 489 18.93 -2.21 -28.94
N ASN A 490 19.32 -3.45 -28.68
CA ASN A 490 20.74 -3.79 -28.49
C ASN A 490 21.53 -3.83 -29.80
N ASP A 491 22.84 -3.61 -29.69
CA ASP A 491 23.76 -3.83 -30.82
C ASP A 491 24.28 -5.28 -30.82
N PRO A 492 24.10 -6.01 -31.94
CA PRO A 492 24.64 -7.37 -32.05
C PRO A 492 26.17 -7.38 -31.97
N ARG A 493 26.79 -6.32 -32.51
CA ARG A 493 28.24 -6.13 -32.45
C ARG A 493 28.71 -6.05 -31.00
N ASP A 494 28.66 -4.85 -30.43
CA ASP A 494 29.00 -4.63 -29.02
C ASP A 494 28.13 -5.47 -28.08
N SER A 495 28.75 -6.42 -27.38
CA SER A 495 28.02 -7.49 -26.71
C SER A 495 28.29 -7.60 -25.21
N LYS A 496 29.22 -6.79 -24.70
CA LYS A 496 29.61 -6.85 -23.29
C LYS A 496 29.07 -5.66 -22.50
N SER A 497 28.89 -4.52 -23.20
CA SER A 497 28.10 -3.42 -22.66
C SER A 497 26.73 -4.01 -22.38
N PRO A 498 26.18 -3.72 -21.19
CA PRO A 498 25.09 -4.54 -20.65
C PRO A 498 23.91 -4.61 -21.60
N GLN A 499 23.23 -5.75 -21.65
CA GLN A 499 22.12 -5.96 -22.57
C GLN A 499 20.82 -5.43 -21.99
N TRP A 500 19.87 -5.15 -22.88
CA TRP A 500 18.54 -4.70 -22.47
C TRP A 500 17.61 -5.91 -22.67
N PRO A 501 17.15 -6.50 -21.54
CA PRO A 501 16.23 -7.65 -21.53
C PRO A 501 14.84 -7.22 -21.92
N PRO A 502 14.12 -8.03 -22.70
CA PRO A 502 12.68 -7.85 -22.87
C PRO A 502 11.91 -7.82 -21.53
N TYR A 503 10.85 -7.03 -21.48
CA TYR A 503 9.95 -7.01 -20.34
C TYR A 503 9.03 -8.24 -20.42
N THR A 504 8.94 -8.97 -19.30
CA THR A 504 8.11 -10.17 -19.23
C THR A 504 7.23 -10.13 -17.98
N THR A 505 6.05 -10.73 -18.08
CA THR A 505 5.14 -10.84 -16.93
C THR A 505 5.83 -11.52 -15.75
N ALA A 506 6.64 -12.53 -16.04
CA ALA A 506 7.43 -13.21 -15.02
C ALA A 506 8.43 -12.29 -14.30
N ALA A 507 9.37 -11.72 -15.04
CA ALA A 507 10.51 -11.00 -14.44
C ALA A 507 10.36 -9.48 -14.36
N GLN A 508 9.46 -8.91 -15.17
CA GLN A 508 9.21 -7.47 -15.20
C GLN A 508 10.45 -6.59 -15.28
N GLN A 509 11.35 -6.91 -16.20
CA GLN A 509 12.57 -6.11 -16.33
C GLN A 509 12.44 -4.91 -17.28
N TYR A 510 13.14 -3.84 -16.90
CA TYR A 510 13.21 -2.60 -17.66
C TYR A 510 14.56 -1.99 -17.34
N VAL A 511 15.05 -1.09 -18.18
CA VAL A 511 16.36 -0.49 -17.90
C VAL A 511 16.24 0.98 -17.50
N SER A 512 17.24 1.50 -16.81
CA SER A 512 17.32 2.94 -16.56
C SER A 512 18.13 3.60 -17.67
N LEU A 513 17.69 4.79 -18.09
CA LEU A 513 18.39 5.57 -19.09
C LEU A 513 18.92 6.85 -18.44
N ASN A 514 20.24 6.90 -18.26
CA ASN A 514 20.95 8.09 -17.76
C ASN A 514 22.39 8.10 -18.25
N LEU A 515 23.23 8.93 -17.64
CA LEU A 515 24.61 9.04 -18.11
C LEU A 515 25.41 7.77 -17.83
N LYS A 516 25.00 7.02 -16.80
CA LYS A 516 25.64 5.75 -16.47
C LYS A 516 25.22 4.68 -17.48
N PRO A 517 26.00 3.58 -17.57
CA PRO A 517 25.58 2.48 -18.46
C PRO A 517 24.26 1.87 -17.99
N LEU A 518 23.58 1.17 -18.88
CA LEU A 518 22.32 0.50 -18.56
C LEU A 518 22.33 -0.29 -17.25
N GLU A 519 21.37 0.02 -16.38
CA GLU A 519 21.11 -0.80 -15.21
C GLU A 519 19.76 -1.50 -15.40
N VAL A 520 19.69 -2.80 -15.11
CA VAL A 520 18.41 -3.52 -15.22
C VAL A 520 17.66 -3.50 -13.88
N ARG A 521 16.35 -3.30 -13.94
CA ARG A 521 15.53 -3.19 -12.73
C ARG A 521 14.31 -4.06 -12.87
N ARG A 522 13.68 -4.37 -11.74
CA ARG A 522 12.53 -5.26 -11.79
C ARG A 522 11.34 -4.62 -11.10
N GLY A 523 10.18 -4.66 -11.77
CA GLY A 523 8.95 -4.17 -11.21
C GLY A 523 8.75 -2.70 -11.50
N LEU A 524 7.76 -2.42 -12.35
CA LEU A 524 7.45 -1.04 -12.71
C LEU A 524 6.43 -0.49 -11.72
N ARG A 525 6.92 0.11 -10.63
CA ARG A 525 6.08 0.53 -9.50
C ARG A 525 5.07 -0.55 -9.14
N ALA A 526 5.52 -1.79 -8.99
CA ALA A 526 4.59 -2.92 -8.92
C ALA A 526 3.53 -2.81 -7.83
N GLN A 527 3.93 -2.51 -6.58
CA GLN A 527 2.94 -2.41 -5.49
C GLN A 527 1.91 -1.34 -5.80
N THR A 528 2.39 -0.12 -6.05
CA THR A 528 1.55 1.03 -6.36
C THR A 528 0.63 0.80 -7.57
N CYS A 529 1.14 0.16 -8.61
CA CYS A 529 0.31 -0.09 -9.79
C CYS A 529 -0.81 -1.13 -9.57
N ALA A 530 -0.58 -2.06 -8.64
CA ALA A 530 -1.65 -2.97 -8.22
C ALA A 530 -2.83 -2.17 -7.67
N PHE A 531 -2.51 -1.13 -6.90
CA PHE A 531 -3.53 -0.25 -6.37
C PHE A 531 -4.37 0.41 -7.48
N TRP A 532 -3.72 1.05 -8.45
CA TRP A 532 -4.44 1.75 -9.51
C TRP A 532 -5.13 0.81 -10.49
N ASN A 533 -4.43 -0.25 -10.89
CA ASN A 533 -4.93 -1.10 -11.97
C ASN A 533 -5.85 -2.24 -11.52
N ARG A 534 -5.69 -2.71 -10.28
CA ARG A 534 -6.53 -3.81 -9.81
C ARG A 534 -7.60 -3.36 -8.82
N PHE A 535 -7.18 -2.63 -7.78
CA PHE A 535 -8.09 -2.31 -6.70
C PHE A 535 -9.03 -1.15 -6.99
N LEU A 536 -8.50 -0.05 -7.53
CA LEU A 536 -9.27 1.15 -7.78
C LEU A 536 -10.55 0.98 -8.63
N PRO A 537 -10.50 0.15 -9.71
CA PRO A 537 -11.76 -0.11 -10.42
C PRO A 537 -12.84 -0.74 -9.54
N LYS A 538 -12.48 -1.71 -8.69
CA LYS A 538 -13.44 -2.33 -7.77
C LYS A 538 -14.09 -1.31 -6.83
N LEU A 539 -13.35 -0.27 -6.47
CA LEU A 539 -13.84 0.77 -5.57
C LEU A 539 -14.78 1.74 -6.27
N LEU A 540 -14.69 1.79 -7.60
CA LEU A 540 -15.59 2.58 -8.43
C LEU A 540 -16.98 1.91 -8.49
N SER A 541 -17.00 0.59 -8.41
CA SER A 541 -18.25 -0.18 -8.42
C SER A 541 -18.99 -0.15 -7.07
N ALA A 542 -18.53 0.70 -6.15
CA ALA A 542 -19.27 0.97 -4.93
C ALA A 542 -19.59 2.47 -4.81
N GLU B 4 9.35 -24.53 62.96
CA GLU B 4 8.80 -23.75 61.86
C GLU B 4 9.66 -22.55 61.48
N ASP B 5 9.87 -22.37 60.18
CA ASP B 5 10.50 -21.16 59.63
C ASP B 5 9.53 -19.97 59.79
N PRO B 6 9.98 -18.90 60.45
CA PRO B 6 9.10 -17.74 60.70
C PRO B 6 8.97 -16.85 59.47
N GLN B 7 9.91 -17.00 58.54
CA GLN B 7 9.87 -16.31 57.25
C GLN B 7 8.74 -16.85 56.38
N LEU B 8 8.30 -18.07 56.68
CA LEU B 8 7.29 -18.75 55.89
C LEU B 8 5.91 -18.66 56.53
N LEU B 9 5.78 -17.83 57.56
CA LEU B 9 4.51 -17.61 58.22
C LEU B 9 4.02 -16.18 58.07
N VAL B 10 2.79 -16.03 57.55
CA VAL B 10 2.22 -14.70 57.32
C VAL B 10 0.78 -14.66 57.83
N ARG B 11 0.40 -13.54 58.44
CA ARG B 11 -0.99 -13.30 58.75
C ARG B 11 -1.58 -12.24 57.81
N VAL B 12 -2.46 -12.71 56.93
CA VAL B 12 -3.26 -11.85 56.08
C VAL B 12 -4.62 -11.64 56.76
N ARG B 13 -5.48 -10.78 56.19
CA ARG B 13 -6.75 -10.44 56.83
C ARG B 13 -7.69 -11.64 57.12
N GLY B 14 -7.58 -12.71 56.33
CA GLY B 14 -8.41 -13.88 56.54
C GLY B 14 -7.82 -14.94 57.45
N GLY B 15 -6.61 -14.69 57.95
CA GLY B 15 -5.96 -15.64 58.83
C GLY B 15 -4.54 -15.98 58.43
N GLN B 16 -4.03 -17.10 58.94
CA GLN B 16 -2.61 -17.41 58.77
C GLN B 16 -2.32 -18.34 57.62
N LEU B 17 -1.13 -18.17 57.06
CA LEU B 17 -0.68 -18.93 55.90
C LEU B 17 0.72 -19.46 56.19
N ARG B 18 1.03 -20.62 55.63
CA ARG B 18 2.39 -21.13 55.68
C ARG B 18 2.89 -21.37 54.25
N GLY B 19 3.91 -20.59 53.86
CA GLY B 19 4.50 -20.71 52.55
C GLY B 19 5.57 -21.77 52.53
N ILE B 20 6.43 -21.72 51.55
CA ILE B 20 7.46 -22.72 51.39
C ILE B 20 8.74 -22.06 50.86
N ARG B 21 9.90 -22.45 51.38
CA ARG B 21 11.18 -21.95 50.90
C ARG B 21 11.52 -22.66 49.57
N LEU B 22 11.79 -21.87 48.53
CA LEU B 22 12.04 -22.43 47.22
C LEU B 22 13.46 -22.15 46.74
N LYS B 23 13.92 -22.95 45.80
CA LYS B 23 15.29 -22.80 45.30
C LYS B 23 15.35 -21.99 44.01
N ALA B 24 15.98 -20.81 44.10
CA ALA B 24 16.44 -20.09 42.92
C ALA B 24 17.97 -20.16 42.85
N PRO B 25 18.55 -20.16 41.63
CA PRO B 25 20.00 -20.41 41.43
C PRO B 25 20.93 -19.50 42.24
N GLY B 26 20.45 -18.33 42.63
CA GLY B 26 21.27 -17.42 43.41
C GLY B 26 20.92 -17.39 44.89
N GLY B 27 19.98 -18.25 45.31
CA GLY B 27 19.57 -18.29 46.71
C GLY B 27 18.10 -18.59 46.89
N PRO B 28 17.65 -18.64 48.15
CA PRO B 28 16.26 -19.00 48.48
C PRO B 28 15.24 -17.89 48.21
N VAL B 29 14.01 -18.29 47.87
CA VAL B 29 12.84 -17.39 47.86
C VAL B 29 11.71 -18.00 48.70
N SER B 30 10.91 -17.16 49.36
CA SER B 30 9.70 -17.62 50.04
C SER B 30 8.52 -17.63 49.05
N ALA B 31 7.83 -18.76 48.90
CA ALA B 31 6.63 -18.77 48.05
C ALA B 31 5.34 -19.08 48.80
N PHE B 32 4.28 -18.34 48.49
CA PHE B 32 2.95 -18.65 49.02
C PHE B 32 1.99 -18.98 47.87
N LEU B 33 1.78 -20.27 47.63
CA LEU B 33 0.97 -20.72 46.51
C LEU B 33 -0.42 -21.18 46.96
N GLY B 34 -1.43 -20.91 46.14
CA GLY B 34 -2.78 -21.39 46.42
C GLY B 34 -3.50 -20.64 47.51
N ILE B 35 -3.27 -19.35 47.63
CA ILE B 35 -4.02 -18.54 48.57
C ILE B 35 -5.42 -18.20 48.01
N PRO B 36 -6.47 -18.56 48.75
CA PRO B 36 -7.81 -18.24 48.24
C PRO B 36 -8.12 -16.75 48.39
N PHE B 37 -8.60 -16.11 47.34
CA PHE B 37 -8.99 -14.70 47.44
C PHE B 37 -10.49 -14.50 47.28
N ALA B 38 -11.20 -15.58 46.99
CA ALA B 38 -12.65 -15.54 46.83
C ALA B 38 -13.32 -16.84 47.28
N GLU B 39 -14.56 -16.74 47.76
CA GLU B 39 -15.45 -17.88 47.88
C GLU B 39 -15.52 -18.63 46.57
N PRO B 40 -15.40 -19.97 46.62
CA PRO B 40 -15.43 -20.79 45.39
C PRO B 40 -16.72 -20.52 44.59
N PRO B 41 -16.57 -20.15 43.31
CA PRO B 41 -17.69 -19.68 42.49
C PRO B 41 -18.50 -20.83 41.87
N VAL B 42 -19.01 -21.71 42.72
CA VAL B 42 -19.65 -22.96 42.28
C VAL B 42 -21.13 -22.98 42.66
N GLY B 43 -21.86 -23.93 42.08
CA GLY B 43 -23.28 -24.04 42.34
C GLY B 43 -24.07 -22.85 41.84
N SER B 44 -24.74 -22.15 42.77
CA SER B 44 -25.57 -21.01 42.39
C SER B 44 -24.70 -19.79 42.08
N ARG B 45 -23.39 -19.95 42.29
CA ARG B 45 -22.44 -18.88 42.11
C ARG B 45 -21.67 -18.98 40.79
N ARG B 46 -22.05 -19.98 39.97
CA ARG B 46 -21.59 -20.02 38.58
C ARG B 46 -22.15 -18.80 37.84
N PHE B 47 -21.31 -18.22 36.97
CA PHE B 47 -21.65 -17.04 36.16
C PHE B 47 -21.78 -15.74 36.98
N MET B 48 -21.56 -15.83 38.28
CA MET B 48 -21.78 -14.68 39.15
C MET B 48 -20.48 -14.00 39.57
N PRO B 49 -20.56 -12.69 39.90
CA PRO B 49 -19.39 -11.98 40.42
C PRO B 49 -18.84 -12.70 41.64
N PRO B 50 -17.51 -12.64 41.84
CA PRO B 50 -16.88 -13.32 42.97
C PRO B 50 -17.21 -12.60 44.27
N GLU B 51 -17.36 -13.36 45.36
CA GLU B 51 -17.49 -12.79 46.68
C GLU B 51 -16.19 -13.04 47.42
N PRO B 52 -15.80 -12.10 48.30
CA PRO B 52 -14.54 -12.25 49.06
C PRO B 52 -14.53 -13.53 49.93
N LYS B 53 -13.39 -14.24 49.95
CA LYS B 53 -13.19 -15.42 50.79
C LYS B 53 -13.52 -15.17 52.27
N ARG B 54 -14.22 -16.12 52.89
CA ARG B 54 -14.47 -16.08 54.34
C ARG B 54 -13.18 -16.40 55.12
N PRO B 55 -13.01 -15.77 56.29
CA PRO B 55 -11.89 -16.02 57.20
C PRO B 55 -11.77 -17.51 57.54
N TRP B 56 -10.54 -17.97 57.82
CA TRP B 56 -10.33 -19.37 58.14
C TRP B 56 -9.57 -19.52 59.45
N SER B 57 -9.72 -20.69 60.06
CA SER B 57 -9.13 -20.99 61.36
C SER B 57 -7.75 -21.61 61.15
N GLY B 58 -6.86 -21.49 62.13
CA GLY B 58 -5.56 -22.15 62.06
C GLY B 58 -4.62 -21.66 60.95
N VAL B 59 -3.69 -22.54 60.55
CA VAL B 59 -2.72 -22.21 59.52
C VAL B 59 -3.04 -22.89 58.18
N LEU B 60 -3.48 -22.06 57.23
CA LEU B 60 -3.78 -22.51 55.88
C LEU B 60 -2.50 -22.88 55.16
N ASP B 61 -2.48 -24.08 54.59
CA ASP B 61 -1.30 -24.52 53.87
C ASP B 61 -1.24 -23.85 52.49
N ALA B 62 -0.16 -23.11 52.26
CA ALA B 62 0.03 -22.38 51.00
C ALA B 62 1.37 -22.73 50.40
N THR B 63 1.58 -24.01 50.13
CA THR B 63 2.91 -24.48 49.70
C THR B 63 2.82 -25.14 48.35
N THR B 64 1.60 -25.15 47.79
CA THR B 64 1.35 -25.84 46.54
C THR B 64 0.34 -25.09 45.67
N PHE B 65 0.48 -25.22 44.36
CA PHE B 65 -0.46 -24.61 43.41
C PHE B 65 -1.84 -25.21 43.53
N GLN B 66 -2.85 -24.37 43.51
CA GLN B 66 -4.21 -24.88 43.53
C GLN B 66 -4.73 -25.29 42.14
N ASN B 67 -6.02 -25.59 42.05
CA ASN B 67 -6.58 -26.10 40.80
C ASN B 67 -6.66 -25.06 39.69
N VAL B 68 -6.51 -25.54 38.45
CA VAL B 68 -6.67 -24.72 37.27
C VAL B 68 -8.16 -24.52 37.01
N CYS B 69 -8.55 -23.28 36.69
CA CYS B 69 -9.94 -22.95 36.38
C CYS B 69 -10.45 -23.80 35.21
N TYR B 70 -11.68 -24.30 35.32
CA TYR B 70 -12.20 -25.23 34.33
C TYR B 70 -12.20 -24.66 32.89
N GLN B 71 -11.57 -25.38 31.97
CA GLN B 71 -11.33 -24.86 30.61
C GLN B 71 -11.13 -25.96 29.56
N TYR B 72 -11.34 -25.62 28.29
CA TYR B 72 -10.96 -26.48 27.16
C TYR B 72 -9.47 -26.88 27.27
N VAL B 73 -9.14 -28.11 26.89
CA VAL B 73 -7.74 -28.57 26.88
C VAL B 73 -7.32 -28.96 25.46
N ASP B 74 -6.20 -28.39 24.99
CA ASP B 74 -5.77 -28.57 23.59
C ASP B 74 -5.33 -29.99 23.23
N THR B 75 -5.81 -30.46 22.09
CA THR B 75 -5.58 -31.84 21.65
C THR B 75 -5.01 -31.91 20.23
N LEU B 76 -4.67 -30.75 19.67
CA LEU B 76 -4.18 -30.66 18.30
C LEU B 76 -2.91 -31.48 18.04
N TYR B 77 -1.87 -31.25 18.85
CA TYR B 77 -0.63 -32.00 18.71
C TYR B 77 -0.30 -32.74 20.00
N PRO B 78 -0.98 -33.87 20.24
CA PRO B 78 -0.90 -34.63 21.49
C PRO B 78 0.53 -35.09 21.79
N GLY B 79 1.07 -34.72 22.96
CA GLY B 79 2.43 -35.07 23.33
C GLY B 79 3.52 -34.11 22.88
N PHE B 80 3.14 -33.07 22.15
CA PHE B 80 4.05 -32.04 21.65
C PHE B 80 4.22 -30.96 22.71
N GLU B 81 5.47 -30.62 23.04
CA GLU B 81 5.69 -29.72 24.17
C GLU B 81 5.36 -28.26 23.84
N GLY B 82 5.39 -27.93 22.55
CA GLY B 82 5.05 -26.60 22.09
C GLY B 82 3.61 -26.22 22.35
N THR B 83 2.70 -27.20 22.33
CA THR B 83 1.29 -26.95 22.65
C THR B 83 0.97 -27.24 24.12
N GLU B 84 1.68 -28.19 24.70
CA GLU B 84 1.29 -28.70 26.02
C GLU B 84 1.90 -27.91 27.15
N MET B 85 2.78 -26.98 26.80
CA MET B 85 3.36 -26.07 27.79
C MET B 85 2.31 -25.06 28.23
N TRP B 86 1.22 -24.97 27.44
CA TRP B 86 0.11 -24.06 27.71
C TRP B 86 -1.08 -24.79 28.30
N ASN B 87 -1.04 -26.13 28.32
CA ASN B 87 -2.12 -26.92 28.88
C ASN B 87 -2.10 -26.91 30.41
N PRO B 88 -3.26 -27.15 31.05
CA PRO B 88 -3.28 -27.19 32.52
C PRO B 88 -2.27 -28.18 33.11
N ASN B 89 -1.55 -27.76 34.14
CA ASN B 89 -0.55 -28.60 34.80
C ASN B 89 -1.00 -28.95 36.23
N ARG B 90 -2.29 -28.73 36.51
CA ARG B 90 -2.96 -29.14 37.74
C ARG B 90 -4.38 -29.59 37.39
N GLU B 91 -5.09 -30.19 38.36
CA GLU B 91 -6.46 -30.64 38.11
C GLU B 91 -7.41 -29.49 37.80
N LEU B 92 -8.34 -29.70 36.89
CA LEU B 92 -9.37 -28.71 36.57
C LEU B 92 -10.44 -28.72 37.64
N SER B 93 -11.07 -27.58 37.86
CA SER B 93 -12.16 -27.45 38.83
C SER B 93 -12.76 -26.05 38.75
N GLU B 94 -14.07 -25.92 38.95
CA GLU B 94 -14.64 -24.58 39.08
C GLU B 94 -14.22 -23.89 40.37
N ASP B 95 -13.69 -24.68 41.31
CA ASP B 95 -13.13 -24.13 42.54
C ASP B 95 -11.64 -23.80 42.27
N CYS B 96 -11.39 -22.56 41.86
CA CYS B 96 -10.07 -22.19 41.31
C CYS B 96 -9.60 -20.77 41.62
N LEU B 97 -10.44 -19.98 42.29
CA LEU B 97 -10.06 -18.62 42.61
C LEU B 97 -8.94 -18.50 43.67
N TYR B 98 -7.70 -18.74 43.24
CA TYR B 98 -6.52 -18.68 44.11
C TYR B 98 -5.40 -17.82 43.51
N LEU B 99 -4.64 -17.17 44.37
CA LEU B 99 -3.48 -16.44 43.90
C LEU B 99 -2.14 -16.93 44.51
N ASN B 100 -1.04 -16.42 43.95
CA ASN B 100 0.29 -16.82 44.36
C ASN B 100 1.17 -15.60 44.57
N VAL B 101 2.09 -15.71 45.52
CA VAL B 101 3.00 -14.62 45.88
C VAL B 101 4.40 -15.20 46.00
N TRP B 102 5.38 -14.58 45.34
CA TRP B 102 6.79 -14.90 45.57
C TRP B 102 7.48 -13.67 46.17
N THR B 103 8.19 -13.85 47.28
CA THR B 103 8.99 -12.76 47.86
C THR B 103 10.45 -13.18 48.01
N PRO B 104 11.34 -12.21 48.23
CA PRO B 104 12.72 -12.53 48.63
C PRO B 104 12.81 -13.29 49.96
N TYR B 105 13.80 -14.19 50.06
CA TYR B 105 14.15 -14.81 51.33
C TYR B 105 15.48 -14.21 51.80
N PRO B 106 15.45 -13.40 52.87
CA PRO B 106 14.29 -13.11 53.73
C PRO B 106 13.42 -11.92 53.29
N ARG B 107 12.25 -11.83 53.90
CA ARG B 107 11.25 -10.79 53.65
C ARG B 107 11.83 -9.38 53.65
N PRO B 108 11.71 -8.69 52.51
CA PRO B 108 12.24 -7.34 52.24
C PRO B 108 12.11 -6.38 53.42
N ALA B 109 13.16 -5.61 53.68
CA ALA B 109 13.18 -4.63 54.77
C ALA B 109 12.29 -3.44 54.46
N SER B 110 12.57 -2.82 53.32
CA SER B 110 11.73 -1.74 52.82
C SER B 110 10.56 -2.31 52.00
N PRO B 111 9.44 -1.57 51.95
CA PRO B 111 8.33 -1.83 51.02
C PRO B 111 8.82 -1.93 49.56
N THR B 112 8.76 -3.14 49.01
CA THR B 112 9.28 -3.41 47.67
C THR B 112 8.16 -3.38 46.61
N PRO B 113 8.47 -2.91 45.39
CA PRO B 113 7.47 -2.77 44.31
C PRO B 113 6.83 -4.10 43.95
N VAL B 114 5.55 -4.08 43.56
CA VAL B 114 4.84 -5.32 43.26
C VAL B 114 4.52 -5.47 41.78
N LEU B 115 4.88 -6.62 41.20
CA LEU B 115 4.43 -6.94 39.84
C LEU B 115 3.28 -7.95 39.87
N ILE B 116 2.15 -7.63 39.25
CA ILE B 116 1.06 -8.60 39.17
C ILE B 116 0.87 -9.15 37.77
N TRP B 117 1.04 -10.46 37.63
CA TRP B 117 0.93 -11.13 36.34
C TRP B 117 -0.49 -11.59 36.08
N ILE B 118 -0.94 -11.43 34.83
CA ILE B 118 -2.26 -11.89 34.39
C ILE B 118 -2.07 -12.73 33.12
N TYR B 119 -2.18 -14.06 33.23
CA TYR B 119 -1.92 -14.95 32.09
C TYR B 119 -2.83 -14.71 30.88
N GLY B 120 -2.37 -15.20 29.73
CA GLY B 120 -3.18 -15.21 28.52
C GLY B 120 -3.85 -16.55 28.29
N GLY B 121 -4.41 -16.73 27.09
CA GLY B 121 -5.17 -17.92 26.78
C GLY B 121 -6.48 -17.65 26.05
N GLY B 122 -6.57 -16.49 25.40
CA GLY B 122 -7.74 -16.16 24.60
C GLY B 122 -9.04 -16.05 25.39
N PHE B 123 -8.90 -15.82 26.70
CA PHE B 123 -10.04 -15.84 27.62
C PHE B 123 -10.74 -17.19 27.75
N TYR B 124 -10.16 -18.23 27.17
CA TYR B 124 -10.73 -19.58 27.23
C TYR B 124 -9.80 -20.61 27.92
N SER B 125 -8.56 -20.22 28.18
CA SER B 125 -7.60 -21.13 28.79
C SER B 125 -6.59 -20.36 29.63
N GLY B 126 -5.64 -21.08 30.21
CA GLY B 126 -4.61 -20.45 31.04
C GLY B 126 -4.71 -20.78 32.52
N ALA B 127 -3.59 -20.60 33.22
CA ALA B 127 -3.48 -20.91 34.65
C ALA B 127 -2.25 -20.18 35.15
N ALA B 128 -2.26 -19.77 36.43
CA ALA B 128 -1.10 -19.04 36.96
C ALA B 128 0.01 -19.99 37.39
N SER B 129 -0.18 -21.28 37.14
CA SER B 129 0.71 -22.32 37.66
C SER B 129 1.67 -22.90 36.63
N LEU B 130 1.47 -22.53 35.36
CA LEU B 130 2.37 -22.97 34.28
C LEU B 130 3.82 -22.58 34.60
N ASP B 131 4.76 -23.35 34.04
CA ASP B 131 6.19 -23.13 34.32
C ASP B 131 6.71 -21.77 33.88
N VAL B 132 6.28 -21.32 32.70
CA VAL B 132 6.74 -20.03 32.17
C VAL B 132 6.36 -18.81 33.03
N TYR B 133 5.43 -18.98 33.98
CA TYR B 133 5.04 -17.86 34.86
C TYR B 133 5.63 -17.97 36.24
N ASP B 134 6.69 -18.77 36.37
CA ASP B 134 7.36 -18.98 37.65
C ASP B 134 8.01 -17.68 38.14
N GLY B 135 7.49 -17.11 39.23
CA GLY B 135 7.99 -15.83 39.69
C GLY B 135 9.18 -15.88 40.65
N ARG B 136 9.86 -17.01 40.73
CA ARG B 136 10.94 -17.14 41.70
C ARG B 136 12.18 -16.32 41.30
N PHE B 137 12.49 -16.29 40.01
CA PHE B 137 13.67 -15.55 39.54
C PHE B 137 13.61 -14.04 39.76
N LEU B 138 12.51 -13.40 39.35
CA LEU B 138 12.33 -11.97 39.57
C LEU B 138 12.31 -11.63 41.06
N ALA B 139 11.85 -12.58 41.88
CA ALA B 139 11.83 -12.36 43.32
C ALA B 139 13.24 -12.39 43.88
N GLN B 140 14.06 -13.30 43.35
CA GLN B 140 15.41 -13.51 43.82
C GLN B 140 16.40 -12.49 43.25
N VAL B 141 16.51 -12.47 41.91
CA VAL B 141 17.47 -11.61 41.24
C VAL B 141 17.16 -10.12 41.37
N GLU B 142 15.89 -9.76 41.24
CA GLU B 142 15.51 -8.35 41.23
C GLU B 142 14.88 -7.87 42.52
N GLY B 143 14.64 -8.81 43.44
CA GLY B 143 14.09 -8.46 44.73
C GLY B 143 12.66 -7.96 44.68
N ALA B 144 11.90 -8.48 43.71
CA ALA B 144 10.51 -8.06 43.51
C ALA B 144 9.53 -9.00 44.20
N VAL B 145 8.49 -8.43 44.81
CA VAL B 145 7.32 -9.21 45.18
C VAL B 145 6.45 -9.43 43.94
N LEU B 146 6.30 -10.70 43.54
CA LEU B 146 5.54 -11.07 42.36
C LEU B 146 4.22 -11.79 42.69
N VAL B 147 3.10 -11.30 42.15
CA VAL B 147 1.81 -11.94 42.37
C VAL B 147 1.21 -12.46 41.06
N SER B 148 0.62 -13.66 41.07
CA SER B 148 -0.24 -14.08 39.96
C SER B 148 -1.55 -14.70 40.47
N MET B 149 -2.63 -14.52 39.71
CA MET B 149 -3.93 -15.06 40.12
C MET B 149 -4.56 -15.95 39.05
N ASN B 150 -5.40 -16.87 39.50
CA ASN B 150 -6.30 -17.55 38.59
C ASN B 150 -7.55 -16.70 38.40
N TYR B 151 -8.08 -16.71 37.18
CA TYR B 151 -9.37 -16.07 36.92
C TYR B 151 -10.19 -17.00 36.02
N ARG B 152 -11.52 -16.96 36.19
CA ARG B 152 -12.39 -17.83 35.40
C ARG B 152 -12.29 -17.55 33.90
N VAL B 153 -12.28 -18.60 33.10
CA VAL B 153 -12.21 -18.48 31.64
C VAL B 153 -13.41 -19.17 30.99
N GLY B 154 -13.46 -19.15 29.66
CA GLY B 154 -14.57 -19.71 28.89
C GLY B 154 -15.94 -19.23 29.32
N THR B 155 -16.91 -20.12 29.26
CA THR B 155 -18.28 -19.81 29.71
C THR B 155 -18.34 -19.40 31.20
N PHE B 156 -17.55 -20.05 32.05
CA PHE B 156 -17.65 -19.79 33.49
C PHE B 156 -17.21 -18.38 33.82
N GLY B 157 -16.25 -17.87 33.05
CA GLY B 157 -15.74 -16.52 33.21
C GLY B 157 -16.43 -15.43 32.42
N PHE B 158 -16.94 -15.74 31.22
CA PHE B 158 -17.38 -14.67 30.32
C PHE B 158 -18.74 -14.81 29.63
N LEU B 159 -19.43 -15.92 29.85
CA LEU B 159 -20.82 -16.04 29.39
C LEU B 159 -21.71 -14.98 30.04
N ALA B 160 -22.31 -14.14 29.21
CA ALA B 160 -23.17 -13.06 29.69
C ALA B 160 -24.55 -13.09 29.04
N LEU B 161 -25.57 -12.85 29.86
CA LEU B 161 -26.87 -12.45 29.35
C LEU B 161 -27.06 -11.03 29.86
N PRO B 162 -26.55 -10.06 29.08
CA PRO B 162 -26.35 -8.68 29.54
C PRO B 162 -27.63 -8.10 30.09
N GLY B 163 -27.54 -7.41 31.22
CA GLY B 163 -28.72 -6.81 31.82
C GLY B 163 -29.37 -7.66 32.90
N SER B 164 -29.17 -8.97 32.82
CA SER B 164 -29.70 -9.89 33.84
C SER B 164 -28.89 -9.83 35.12
N ARG B 165 -29.50 -10.26 36.23
CA ARG B 165 -28.84 -10.25 37.53
C ARG B 165 -27.92 -11.46 37.72
N GLU B 166 -28.22 -12.54 37.01
CA GLU B 166 -27.59 -13.85 37.24
C GLU B 166 -26.39 -14.17 36.33
N ALA B 167 -26.27 -13.44 35.24
CA ALA B 167 -25.13 -13.56 34.33
C ALA B 167 -24.76 -12.20 33.74
N PRO B 168 -24.23 -11.30 34.57
CA PRO B 168 -23.98 -9.91 34.18
C PRO B 168 -22.86 -9.78 33.12
N GLY B 169 -21.97 -10.76 33.05
CA GLY B 169 -20.82 -10.67 32.17
C GLY B 169 -19.56 -10.18 32.86
N ASN B 170 -18.41 -10.44 32.23
CA ASN B 170 -17.10 -9.98 32.72
C ASN B 170 -16.68 -10.48 34.12
N VAL B 171 -17.26 -11.57 34.58
CA VAL B 171 -16.96 -12.00 35.96
C VAL B 171 -15.50 -12.45 36.09
N GLY B 172 -14.95 -12.97 34.99
CA GLY B 172 -13.52 -13.24 34.91
C GLY B 172 -12.65 -12.01 35.14
N LEU B 173 -13.07 -10.87 34.61
CA LEU B 173 -12.35 -9.63 34.88
C LEU B 173 -12.55 -9.22 36.32
N LEU B 174 -13.75 -9.43 36.84
CA LEU B 174 -14.02 -9.10 38.26
C LEU B 174 -13.18 -9.97 39.22
N ASP B 175 -12.82 -11.18 38.79
CA ASP B 175 -11.92 -12.02 39.58
C ASP B 175 -10.55 -11.38 39.70
N GLN B 176 -10.05 -10.91 38.56
CA GLN B 176 -8.78 -10.22 38.51
C GLN B 176 -8.83 -9.01 39.43
N ARG B 177 -9.90 -8.23 39.30
CA ARG B 177 -10.06 -7.03 40.13
C ARG B 177 -10.04 -7.37 41.63
N LEU B 178 -10.73 -8.45 42.00
CA LEU B 178 -10.75 -8.90 43.39
C LEU B 178 -9.35 -9.31 43.88
N ALA B 179 -8.59 -10.00 43.03
CA ALA B 179 -7.20 -10.31 43.32
C ALA B 179 -6.36 -9.02 43.55
N LEU B 180 -6.57 -8.01 42.71
CA LEU B 180 -5.95 -6.70 42.88
C LEU B 180 -6.34 -6.03 44.21
N GLN B 181 -7.63 -6.06 44.56
CA GLN B 181 -8.10 -5.56 45.87
C GLN B 181 -7.36 -6.29 46.99
N TRP B 182 -7.19 -7.60 46.83
CA TRP B 182 -6.54 -8.42 47.85
C TRP B 182 -5.09 -7.98 48.05
N VAL B 183 -4.42 -7.66 46.95
CA VAL B 183 -3.07 -7.13 47.00
C VAL B 183 -3.00 -5.79 47.78
N GLN B 184 -3.93 -4.87 47.49
CA GLN B 184 -4.01 -3.62 48.26
C GLN B 184 -4.06 -3.85 49.77
N GLU B 185 -4.86 -4.83 50.18
CA GLU B 185 -5.17 -5.08 51.58
C GLU B 185 -4.13 -5.92 52.32
N ASN B 186 -3.36 -6.72 51.58
CA ASN B 186 -2.56 -7.76 52.22
C ASN B 186 -1.10 -7.82 51.80
N ILE B 187 -0.74 -7.15 50.71
CA ILE B 187 0.60 -7.34 50.15
C ILE B 187 1.68 -6.81 51.10
N ALA B 188 1.38 -5.73 51.83
CA ALA B 188 2.28 -5.21 52.87
C ALA B 188 2.81 -6.27 53.88
N ALA B 189 1.97 -7.26 54.22
CA ALA B 189 2.39 -8.34 55.12
C ALA B 189 3.52 -9.21 54.52
N PHE B 190 3.72 -9.11 53.21
CA PHE B 190 4.75 -9.89 52.53
C PHE B 190 5.97 -9.02 52.19
N GLY B 191 5.89 -7.72 52.50
CA GLY B 191 6.96 -6.78 52.20
C GLY B 191 6.80 -6.07 50.86
N GLY B 192 5.56 -5.96 50.40
CA GLY B 192 5.28 -5.33 49.12
C GLY B 192 4.67 -3.96 49.32
N ASP B 193 4.82 -3.10 48.32
CA ASP B 193 4.35 -1.72 48.43
C ASP B 193 3.01 -1.58 47.70
N PRO B 194 1.90 -1.51 48.46
CA PRO B 194 0.57 -1.34 47.83
C PRO B 194 0.54 -0.07 46.99
N MET B 195 1.46 0.83 47.25
CA MET B 195 1.51 2.10 46.53
C MET B 195 2.37 2.06 45.27
N SER B 196 3.06 0.94 45.05
CA SER B 196 3.74 0.74 43.77
C SER B 196 3.37 -0.62 43.16
N VAL B 197 2.23 -0.65 42.50
CA VAL B 197 1.74 -1.90 41.88
C VAL B 197 1.72 -1.79 40.35
N THR B 198 2.48 -2.64 39.68
CA THR B 198 2.52 -2.68 38.20
C THR B 198 1.82 -3.94 37.67
N LEU B 199 0.76 -3.77 36.87
CA LEU B 199 0.15 -4.92 36.18
C LEU B 199 0.98 -5.29 34.95
N PHE B 200 1.18 -6.59 34.73
CA PHE B 200 1.69 -7.06 33.43
C PHE B 200 1.04 -8.37 32.99
N GLY B 201 0.79 -8.45 31.69
CA GLY B 201 0.09 -9.57 31.14
C GLY B 201 0.47 -9.72 29.68
N GLU B 202 0.41 -10.95 29.20
CA GLU B 202 0.64 -11.22 27.78
C GLU B 202 -0.67 -11.59 27.08
N GFT B 203 -1.17 -11.50 25.87
CA GFT B 203 -2.15 -11.59 24.76
C GFT B 203 -3.63 -11.46 25.34
O GFT B 203 -3.81 -10.12 25.75
CB GFT B 203 -1.90 -12.97 24.00
OG GFT B 203 -2.99 -13.52 23.31
CAA GFT B 203 -4.60 -15.35 22.01
OAC GFT B 203 -4.50 -14.99 24.70
CAD GFT B 203 -0.63 -19.61 23.99
CAE GFT B 203 -2.15 -19.51 23.80
CAF GFT B 203 -0.05 -18.29 24.52
CAG GFT B 203 -2.51 -18.46 22.76
CAH GFT B 203 -0.35 -17.16 23.54
OAI GFT B 203 -2.59 -16.21 23.75
CAJ GFT B 203 -1.80 -17.08 22.98
PAK GFT B 203 -3.62 -15.04 23.39
N ALA B 204 -4.49 -12.33 25.89
CA ALA B 204 -5.67 -11.92 26.63
C ALA B 204 -5.32 -11.30 27.98
N GLY B 205 -4.18 -11.70 28.55
CA GLY B 205 -3.67 -11.07 29.76
C GLY B 205 -3.40 -9.58 29.52
N ALA B 206 -2.79 -9.28 28.37
CA ALA B 206 -2.53 -7.90 27.96
C ALA B 206 -3.84 -7.09 27.82
N ALA B 207 -4.78 -7.65 27.05
CA ALA B 207 -6.13 -7.10 26.92
C ALA B 207 -6.81 -6.86 28.28
N SER B 208 -6.67 -7.81 29.21
CA SER B 208 -7.25 -7.62 30.57
C SER B 208 -6.61 -6.43 31.24
N VAL B 209 -5.28 -6.36 31.22
CA VAL B 209 -4.58 -5.19 31.74
C VAL B 209 -5.17 -3.91 31.12
N GLY B 210 -5.30 -3.90 29.79
CA GLY B 210 -5.97 -2.81 29.09
C GLY B 210 -7.36 -2.48 29.63
N MET B 211 -8.15 -3.50 29.94
CA MET B 211 -9.48 -3.23 30.48
C MET B 211 -9.46 -2.64 31.89
N HIS B 212 -8.46 -3.04 32.69
CA HIS B 212 -8.32 -2.42 34.00
C HIS B 212 -7.95 -0.94 33.89
N ILE B 213 -7.19 -0.57 32.86
CA ILE B 213 -6.92 0.84 32.55
C ILE B 213 -8.19 1.63 32.20
N LEU B 214 -9.08 1.01 31.44
CA LEU B 214 -10.28 1.66 30.94
C LEU B 214 -11.46 1.51 31.89
N SER B 215 -11.24 0.90 33.05
CA SER B 215 -12.34 0.73 34.00
C SER B 215 -12.06 1.43 35.32
N LEU B 216 -12.83 2.47 35.62
CA LEU B 216 -12.52 3.34 36.76
C LEU B 216 -12.28 2.65 38.11
N PRO B 217 -13.17 1.71 38.51
CA PRO B 217 -12.93 1.06 39.81
C PRO B 217 -11.59 0.30 39.92
N SER B 218 -11.05 -0.16 38.79
CA SER B 218 -9.74 -0.84 38.75
C SER B 218 -8.56 0.09 38.95
N ARG B 219 -8.72 1.35 38.52
CA ARG B 219 -7.61 2.31 38.47
C ARG B 219 -6.93 2.64 39.80
N SER B 220 -7.67 2.62 40.90
CA SER B 220 -7.07 2.86 42.21
C SER B 220 -6.24 1.67 42.71
N LEU B 221 -6.18 0.59 41.95
CA LEU B 221 -5.56 -0.64 42.44
C LEU B 221 -4.18 -0.88 41.84
N PHE B 222 -3.74 0.02 40.95
CA PHE B 222 -2.41 -0.08 40.36
C PHE B 222 -1.90 1.27 39.85
N HIS B 223 -0.60 1.35 39.54
CA HIS B 223 0.01 2.62 39.15
C HIS B 223 0.63 2.61 37.75
N ARG B 224 0.98 1.41 37.27
CA ARG B 224 1.65 1.26 35.99
C ARG B 224 1.20 -0.02 35.30
N ALA B 225 1.37 -0.10 33.98
CA ALA B 225 0.88 -1.26 33.22
C ALA B 225 1.84 -1.69 32.13
N VAL B 226 1.85 -3.00 31.87
CA VAL B 226 2.63 -3.57 30.77
C VAL B 226 1.71 -4.47 29.95
N LEU B 227 1.59 -4.18 28.66
CA LEU B 227 0.75 -4.99 27.78
C LEU B 227 1.66 -5.66 26.76
N GLN B 228 1.76 -6.98 26.82
CA GLN B 228 2.62 -7.71 25.89
C GLN B 228 1.79 -8.46 24.85
N SER B 229 1.84 -7.99 23.61
CA SER B 229 1.15 -8.63 22.49
C SER B 229 -0.38 -8.74 22.65
N GLY B 230 -1.00 -7.74 23.25
CA GLY B 230 -2.46 -7.75 23.34
C GLY B 230 -2.99 -6.38 23.76
N THR B 231 -4.23 -6.10 23.40
CA THR B 231 -4.84 -4.80 23.68
C THR B 231 -6.34 -4.97 23.92
N PRO B 232 -6.94 -4.02 24.66
CA PRO B 232 -8.40 -4.06 24.86
C PRO B 232 -9.18 -3.72 23.59
N ASN B 233 -8.66 -2.76 22.82
CA ASN B 233 -9.23 -2.42 21.51
C ASN B 233 -8.93 -3.56 20.56
N GLY B 234 -9.52 -3.52 19.36
CA GLY B 234 -9.24 -4.59 18.41
C GLY B 234 -10.28 -5.69 18.31
N PRO B 235 -10.14 -6.55 17.30
CA PRO B 235 -11.21 -7.39 16.75
C PRO B 235 -11.63 -8.61 17.58
N TRP B 236 -10.77 -9.10 18.47
CA TRP B 236 -11.03 -10.37 19.16
C TRP B 236 -11.32 -10.30 20.67
N ALA B 237 -10.98 -9.18 21.31
CA ALA B 237 -11.02 -9.07 22.78
C ALA B 237 -12.35 -8.61 23.41
N THR B 238 -13.23 -8.00 22.62
CA THR B 238 -14.56 -7.67 23.12
C THR B 238 -15.69 -8.14 22.22
N VAL B 239 -16.90 -8.12 22.76
CA VAL B 239 -18.10 -8.36 21.97
C VAL B 239 -19.18 -7.38 22.41
N SER B 240 -20.11 -7.09 21.51
CA SER B 240 -21.27 -6.29 21.86
C SER B 240 -22.17 -7.12 22.78
N ALA B 241 -23.05 -6.44 23.51
CA ALA B 241 -24.04 -7.14 24.34
C ALA B 241 -24.90 -8.06 23.49
N GLY B 242 -25.32 -7.56 22.33
CA GLY B 242 -26.12 -8.35 21.40
C GLY B 242 -25.49 -9.66 21.01
N GLU B 243 -24.20 -9.59 20.69
CA GLU B 243 -23.48 -10.77 20.24
C GLU B 243 -23.21 -11.74 21.40
N ALA B 244 -23.04 -11.21 22.61
CA ALA B 244 -22.80 -12.07 23.77
C ALA B 244 -24.09 -12.83 24.15
N ARG B 245 -25.21 -12.11 24.10
CA ARG B 245 -26.52 -12.71 24.30
C ARG B 245 -26.78 -13.81 23.27
N ARG B 246 -26.39 -13.53 22.04
CA ARG B 246 -26.62 -14.46 20.94
C ARG B 246 -25.85 -15.75 21.20
N ARG B 247 -24.59 -15.61 21.63
CA ARG B 247 -23.74 -16.77 21.84
C ARG B 247 -24.18 -17.58 23.07
N ALA B 248 -24.54 -16.88 24.13
CA ALA B 248 -25.07 -17.53 25.35
C ALA B 248 -26.34 -18.33 25.06
N THR B 249 -27.36 -17.69 24.48
CA THR B 249 -28.61 -18.38 24.16
C THR B 249 -28.39 -19.56 23.21
N LEU B 250 -27.45 -19.43 22.28
CA LEU B 250 -27.11 -20.52 21.38
C LEU B 250 -26.42 -21.70 22.09
N LEU B 251 -25.66 -21.39 23.13
CA LEU B 251 -24.99 -22.46 23.89
C LEU B 251 -26.00 -23.16 24.79
N ALA B 252 -26.92 -22.37 25.35
CA ALA B 252 -28.02 -22.92 26.16
C ALA B 252 -28.88 -23.87 25.32
N ARG B 253 -29.17 -23.47 24.08
CA ARG B 253 -29.91 -24.32 23.17
C ARG B 253 -29.13 -25.62 22.90
N LEU B 254 -27.82 -25.48 22.72
CA LEU B 254 -26.98 -26.62 22.37
C LEU B 254 -26.84 -27.64 23.50
N VAL B 255 -27.10 -27.21 24.73
CA VAL B 255 -26.99 -28.15 25.86
C VAL B 255 -28.35 -28.52 26.48
N GLY B 256 -29.43 -27.98 25.93
CA GLY B 256 -30.77 -28.37 26.33
C GLY B 256 -31.59 -27.37 27.11
N CYS B 257 -31.29 -26.08 26.96
CA CYS B 257 -31.98 -25.08 27.78
C CYS B 257 -32.78 -24.04 27.00
N ASN B 265 -36.99 -16.35 28.95
CA ASN B 265 -36.65 -15.73 30.24
C ASN B 265 -35.21 -16.01 30.69
N ASP B 266 -34.48 -14.96 31.04
CA ASP B 266 -33.08 -15.08 31.47
C ASP B 266 -32.89 -15.99 32.69
N THR B 267 -33.60 -15.70 33.77
CA THR B 267 -33.51 -16.47 35.02
C THR B 267 -33.71 -17.99 34.83
N GLU B 268 -34.68 -18.36 34.02
CA GLU B 268 -34.98 -19.77 33.76
C GLU B 268 -33.83 -20.40 32.97
N LEU B 269 -33.32 -19.66 32.00
CA LEU B 269 -32.25 -20.14 31.13
C LEU B 269 -30.96 -20.40 31.90
N ILE B 270 -30.58 -19.44 32.75
CA ILE B 270 -29.34 -19.55 33.51
C ILE B 270 -29.44 -20.61 34.61
N ALA B 271 -30.59 -20.66 35.29
CA ALA B 271 -30.85 -21.73 36.24
C ALA B 271 -30.57 -23.10 35.63
N CYS B 272 -30.99 -23.29 34.37
CA CYS B 272 -30.76 -24.56 33.71
C CYS B 272 -29.28 -24.79 33.35
N LEU B 273 -28.58 -23.73 32.93
CA LEU B 273 -27.14 -23.85 32.63
C LEU B 273 -26.35 -24.22 33.90
N ARG B 274 -26.80 -23.70 35.05
CA ARG B 274 -26.19 -24.05 36.34
C ARG B 274 -26.29 -25.54 36.69
N THR B 275 -27.29 -26.23 36.16
CA THR B 275 -27.48 -27.64 36.47
C THR B 275 -26.57 -28.54 35.66
N ARG B 276 -25.84 -27.96 34.72
CA ARG B 276 -25.03 -28.77 33.81
C ARG B 276 -23.59 -29.00 34.29
N PRO B 277 -23.11 -30.25 34.22
CA PRO B 277 -21.67 -30.53 34.44
C PRO B 277 -20.78 -29.60 33.60
N ALA B 278 -19.68 -29.15 34.20
CA ALA B 278 -18.72 -28.26 33.52
C ALA B 278 -18.32 -28.72 32.11
N GLN B 279 -18.03 -30.01 31.94
CA GLN B 279 -17.53 -30.48 30.64
C GLN B 279 -18.60 -30.41 29.55
N ASP B 280 -19.88 -30.37 29.94
CA ASP B 280 -20.97 -30.26 28.97
C ASP B 280 -21.00 -28.86 28.34
N LEU B 281 -20.69 -27.86 29.16
CA LEU B 281 -20.57 -26.47 28.70
C LEU B 281 -19.36 -26.33 27.75
N VAL B 282 -18.20 -26.76 28.22
CA VAL B 282 -16.98 -26.75 27.44
C VAL B 282 -17.09 -27.53 26.11
N ASP B 283 -17.89 -28.61 26.11
CA ASP B 283 -18.09 -29.44 24.90
C ASP B 283 -18.63 -28.66 23.70
N HIS B 284 -19.49 -27.67 23.99
CA HIS B 284 -20.14 -26.88 22.94
C HIS B 284 -19.66 -25.43 22.84
N GLU B 285 -18.59 -25.06 23.56
CA GLU B 285 -18.20 -23.64 23.61
C GLU B 285 -17.60 -23.15 22.28
N TRP B 286 -16.97 -24.06 21.53
CA TRP B 286 -16.41 -23.70 20.23
C TRP B 286 -17.43 -23.67 19.07
N HIS B 287 -18.69 -23.98 19.36
CA HIS B 287 -19.69 -24.10 18.31
C HIS B 287 -20.59 -22.88 18.20
N VAL B 288 -20.21 -21.79 18.88
CA VAL B 288 -21.07 -20.60 18.85
C VAL B 288 -20.52 -19.41 18.04
N LEU B 289 -19.32 -19.56 17.46
CA LEU B 289 -18.75 -18.49 16.62
C LEU B 289 -19.53 -18.32 15.30
N PRO B 290 -19.71 -17.05 14.85
CA PRO B 290 -20.52 -16.70 13.67
C PRO B 290 -19.94 -17.19 12.32
N GLN B 291 -18.62 -17.12 12.17
CA GLN B 291 -17.95 -17.57 10.95
C GLN B 291 -16.83 -18.54 11.28
N GLU B 292 -16.31 -19.20 10.25
CA GLU B 292 -15.06 -19.94 10.39
C GLU B 292 -13.96 -18.90 10.66
N SER B 293 -13.13 -19.15 11.66
CA SER B 293 -12.21 -18.14 12.17
C SER B 293 -10.89 -18.74 12.65
N ILE B 294 -9.86 -17.91 12.73
CA ILE B 294 -8.81 -18.12 13.70
C ILE B 294 -8.69 -16.84 14.49
N PHE B 295 -7.98 -16.89 15.63
CA PHE B 295 -7.81 -15.73 16.49
C PHE B 295 -9.15 -15.09 16.82
N ARG B 296 -10.12 -15.93 17.11
CA ARG B 296 -11.45 -15.47 17.52
C ARG B 296 -11.97 -16.49 18.55
N PHE B 297 -12.56 -15.99 19.63
CA PHE B 297 -12.82 -16.79 20.81
C PHE B 297 -14.25 -16.54 21.32
N SER B 298 -14.92 -17.59 21.78
CA SER B 298 -16.37 -17.53 21.97
C SER B 298 -16.84 -16.71 23.18
N PHE B 299 -16.14 -16.82 24.31
CA PHE B 299 -16.61 -16.06 25.47
C PHE B 299 -15.52 -15.15 26.01
N VAL B 300 -15.73 -13.86 25.78
CA VAL B 300 -14.72 -12.82 26.00
C VAL B 300 -15.39 -11.64 26.71
N PRO B 301 -14.60 -10.66 27.19
CA PRO B 301 -15.25 -9.52 27.86
C PRO B 301 -16.30 -8.84 26.97
N VAL B 302 -17.35 -8.30 27.58
CA VAL B 302 -18.49 -7.75 26.85
C VAL B 302 -18.71 -6.26 27.13
N VAL B 303 -18.98 -5.46 26.09
CA VAL B 303 -19.27 -4.05 26.32
C VAL B 303 -20.64 -3.95 26.98
N ASP B 304 -20.64 -3.70 28.28
CA ASP B 304 -21.83 -3.86 29.09
C ASP B 304 -22.42 -2.54 29.60
N GLY B 305 -21.68 -1.45 29.44
CA GLY B 305 -22.08 -0.17 30.00
C GLY B 305 -21.69 -0.09 31.47
N ASP B 306 -21.21 -1.21 32.02
CA ASP B 306 -20.81 -1.27 33.43
C ASP B 306 -19.28 -1.31 33.61
N PHE B 307 -18.69 -2.50 33.59
CA PHE B 307 -17.23 -2.63 33.63
C PHE B 307 -16.65 -1.76 32.52
N LEU B 308 -17.17 -1.97 31.32
CA LEU B 308 -16.85 -1.16 30.15
C LEU B 308 -18.01 -0.22 29.83
N SER B 309 -17.83 1.08 30.10
CA SER B 309 -18.89 2.07 29.88
C SER B 309 -19.24 2.28 28.40
N ASP B 310 -18.25 2.09 27.53
CA ASP B 310 -18.40 2.19 26.09
C ASP B 310 -17.41 1.18 25.48
N THR B 311 -17.26 1.15 24.16
CA THR B 311 -16.27 0.27 23.55
C THR B 311 -14.85 0.73 23.91
N PRO B 312 -13.89 -0.22 23.94
CA PRO B 312 -12.51 0.19 24.23
C PRO B 312 -12.02 1.24 23.23
N GLU B 313 -12.41 1.08 21.97
CA GLU B 313 -12.09 2.08 20.95
C GLU B 313 -12.54 3.49 21.38
N ALA B 314 -13.81 3.62 21.73
CA ALA B 314 -14.35 4.89 22.23
C ALA B 314 -13.62 5.37 23.50
N LEU B 315 -13.31 4.45 24.40
CA LEU B 315 -12.71 4.81 25.67
C LEU B 315 -11.26 5.26 25.53
N ILE B 316 -10.54 4.71 24.55
CA ILE B 316 -9.14 5.12 24.36
C ILE B 316 -9.06 6.42 23.57
N ASN B 317 -10.08 6.71 22.76
CA ASN B 317 -10.14 7.97 22.01
C ASN B 317 -10.42 9.17 22.90
N THR B 318 -11.08 8.94 24.03
CA THR B 318 -11.57 10.06 24.84
C THR B 318 -10.98 10.09 26.25
N GLY B 319 -10.23 9.06 26.62
CA GLY B 319 -9.74 8.98 27.98
C GLY B 319 -8.70 10.03 28.33
N ASP B 320 -8.52 10.29 29.62
CA ASP B 320 -7.39 11.09 30.10
C ASP B 320 -6.38 10.19 30.81
N PHE B 321 -5.21 10.05 30.21
CA PHE B 321 -4.22 9.10 30.68
C PHE B 321 -2.98 9.83 31.19
N GLN B 322 -3.20 11.00 31.79
CA GLN B 322 -2.11 11.87 32.24
C GLN B 322 -1.14 11.27 33.28
N ASP B 323 -1.66 10.64 34.32
CA ASP B 323 -0.74 10.11 35.35
C ASP B 323 -0.52 8.60 35.19
N LEU B 324 -0.24 8.19 33.96
CA LEU B 324 -0.14 6.78 33.60
C LEU B 324 1.14 6.49 32.84
N GLN B 325 1.88 5.48 33.26
CA GLN B 325 3.00 4.98 32.49
C GLN B 325 2.75 3.54 32.02
N VAL B 326 3.04 3.29 30.75
CA VAL B 326 2.65 2.08 30.08
C VAL B 326 3.79 1.58 29.21
N LEU B 327 4.07 0.27 29.28
CA LEU B 327 5.04 -0.38 28.42
C LEU B 327 4.30 -1.37 27.51
N VAL B 328 4.54 -1.30 26.20
CA VAL B 328 3.80 -2.13 25.26
C VAL B 328 4.74 -2.65 24.19
N GLY B 329 4.45 -3.84 23.68
CA GLY B 329 5.22 -4.35 22.58
C GLY B 329 4.62 -5.57 21.94
N VAL B 330 5.36 -6.14 21.00
CA VAL B 330 4.87 -7.23 20.19
C VAL B 330 6.08 -8.14 19.92
N VAL B 331 5.83 -9.39 19.50
CA VAL B 331 6.91 -10.28 19.08
C VAL B 331 7.04 -10.17 17.57
N LYS B 332 8.07 -10.77 16.99
CA LYS B 332 8.35 -10.57 15.58
C LYS B 332 7.29 -11.22 14.68
N ASP B 333 6.71 -12.33 15.12
CA ASP B 333 5.76 -13.05 14.27
C ASP B 333 4.43 -13.35 14.98
N GLU B 334 3.66 -12.30 15.23
CA GLU B 334 2.41 -12.38 15.96
C GLU B 334 1.37 -13.33 15.38
N GLY B 335 1.44 -13.57 14.08
CA GLY B 335 0.38 -14.30 13.42
C GLY B 335 0.63 -15.76 13.10
N SER B 336 1.82 -16.27 13.40
CA SER B 336 2.16 -17.64 12.94
C SER B 336 1.43 -18.74 13.73
N TYR B 337 1.28 -18.52 15.03
CA TYR B 337 0.79 -19.53 15.96
C TYR B 337 -0.55 -20.16 15.59
N PHE B 338 -1.54 -19.31 15.33
CA PHE B 338 -2.90 -19.79 15.13
C PHE B 338 -3.16 -20.30 13.72
N LEU B 339 -2.20 -20.11 12.82
CA LEU B 339 -2.36 -20.56 11.43
C LEU B 339 -2.56 -22.07 11.35
N VAL B 340 -1.88 -22.81 12.22
CA VAL B 340 -2.01 -24.26 12.28
C VAL B 340 -3.34 -24.72 12.88
N TYR B 341 -4.10 -23.80 13.48
CA TYR B 341 -5.38 -24.13 14.09
C TYR B 341 -6.60 -23.84 13.21
N GLY B 342 -6.46 -24.06 11.91
CA GLY B 342 -7.62 -23.88 11.03
C GLY B 342 -7.43 -23.20 9.69
N VAL B 343 -6.19 -22.79 9.37
CA VAL B 343 -5.92 -22.30 8.02
C VAL B 343 -5.32 -23.43 7.18
N PRO B 344 -6.04 -23.86 6.14
CA PRO B 344 -5.59 -24.98 5.30
C PRO B 344 -4.25 -24.70 4.62
N GLY B 345 -3.32 -25.65 4.72
CA GLY B 345 -2.01 -25.49 4.14
C GLY B 345 -0.94 -25.40 5.22
N PHE B 346 -1.37 -25.06 6.43
CA PHE B 346 -0.42 -24.75 7.50
C PHE B 346 -0.32 -25.87 8.51
N SER B 347 0.92 -26.21 8.87
CA SER B 347 1.19 -27.24 9.86
C SER B 347 2.59 -27.08 10.42
N LYS B 348 2.79 -27.56 11.65
CA LYS B 348 4.10 -27.55 12.27
C LYS B 348 5.02 -28.63 11.69
N ASP B 349 4.46 -29.51 10.87
CA ASP B 349 5.19 -30.71 10.45
C ASP B 349 5.97 -30.58 9.13
N ASN B 350 5.43 -29.83 8.18
CA ASN B 350 6.21 -29.46 7.00
C ASN B 350 6.68 -27.99 7.03
N GLU B 351 6.55 -27.27 5.92
CA GLU B 351 7.02 -25.89 5.86
C GLU B 351 5.92 -24.96 5.43
N SER B 352 4.76 -25.53 5.17
CA SER B 352 3.55 -24.78 4.85
C SER B 352 3.75 -23.76 3.74
N LEU B 353 4.51 -24.13 2.71
CA LEU B 353 4.56 -23.35 1.48
C LEU B 353 3.19 -23.51 0.82
N ILE B 354 2.42 -22.43 0.78
CA ILE B 354 1.04 -22.49 0.31
C ILE B 354 0.87 -21.91 -1.08
N SER B 355 -0.25 -22.23 -1.70
CA SER B 355 -0.61 -21.69 -3.02
C SER B 355 -1.33 -20.35 -2.88
N ARG B 356 -1.44 -19.65 -4.02
CA ARG B 356 -2.23 -18.43 -4.09
C ARG B 356 -3.68 -18.63 -3.64
N ALA B 357 -4.30 -19.72 -4.07
CA ALA B 357 -5.72 -19.96 -3.78
C ALA B 357 -5.94 -20.21 -2.31
N GLN B 358 -5.00 -20.93 -1.69
CA GLN B 358 -5.04 -21.18 -0.27
C GLN B 358 -4.90 -19.88 0.51
N PHE B 359 -4.10 -18.97 -0.04
CA PHE B 359 -3.88 -17.64 0.53
C PHE B 359 -5.17 -16.80 0.53
N LEU B 360 -5.94 -16.88 -0.56
CA LEU B 360 -7.16 -16.08 -0.65
C LEU B 360 -8.22 -16.66 0.27
N ALA B 361 -8.16 -17.97 0.46
CA ALA B 361 -9.08 -18.68 1.36
C ALA B 361 -8.71 -18.42 2.81
N GLY B 362 -7.40 -18.35 3.09
CA GLY B 362 -6.90 -18.07 4.42
C GLY B 362 -7.30 -16.69 4.93
N VAL B 363 -7.34 -15.72 4.01
CA VAL B 363 -7.68 -14.35 4.37
C VAL B 363 -9.12 -14.20 4.85
N ARG B 364 -10.03 -15.02 4.29
CA ARG B 364 -11.44 -15.00 4.71
C ARG B 364 -11.62 -15.59 6.11
N ILE B 365 -10.68 -16.45 6.50
CA ILE B 365 -10.67 -17.08 7.82
C ILE B 365 -9.95 -16.19 8.84
N GLY B 366 -8.80 -15.63 8.41
CA GLY B 366 -8.01 -14.71 9.22
C GLY B 366 -8.69 -13.38 9.48
N VAL B 367 -9.47 -12.90 8.52
CA VAL B 367 -10.22 -11.65 8.68
C VAL B 367 -11.70 -11.96 8.52
N PRO B 368 -12.25 -12.77 9.43
CA PRO B 368 -13.55 -13.43 9.21
C PRO B 368 -14.72 -12.44 9.07
N GLN B 369 -14.51 -11.20 9.50
N GLN B 369 -14.50 -11.19 9.46
CA GLN B 369 -15.54 -10.18 9.40
CA GLN B 369 -15.54 -10.18 9.37
C GLN B 369 -15.41 -9.36 8.12
C GLN B 369 -15.42 -9.35 8.10
N ALA B 370 -14.45 -9.69 7.26
CA ALA B 370 -14.22 -8.96 6.01
C ALA B 370 -15.29 -9.21 4.94
N SER B 371 -15.84 -8.12 4.39
CA SER B 371 -16.66 -8.18 3.18
C SER B 371 -15.80 -8.63 1.99
N ASP B 372 -16.44 -8.99 0.89
CA ASP B 372 -15.69 -9.41 -0.30
C ASP B 372 -14.69 -8.35 -0.73
N LEU B 373 -15.15 -7.10 -0.76
CA LEU B 373 -14.33 -5.96 -1.14
C LEU B 373 -13.21 -5.71 -0.14
N ALA B 374 -13.53 -5.73 1.15
CA ALA B 374 -12.52 -5.60 2.19
C ALA B 374 -11.45 -6.69 2.11
N ALA B 375 -11.90 -7.93 1.86
CA ALA B 375 -10.97 -9.05 1.71
C ALA B 375 -10.01 -8.82 0.55
N GLU B 376 -10.53 -8.32 -0.57
CA GLU B 376 -9.72 -8.05 -1.74
C GLU B 376 -8.64 -7.02 -1.43
N ALA B 377 -9.04 -5.93 -0.77
CA ALA B 377 -8.10 -4.91 -0.32
C ALA B 377 -6.94 -5.53 0.48
N VAL B 378 -7.25 -6.50 1.34
CA VAL B 378 -6.22 -7.12 2.16
C VAL B 378 -5.26 -7.88 1.26
N VAL B 379 -5.81 -8.73 0.40
CA VAL B 379 -5.03 -9.51 -0.54
C VAL B 379 -4.12 -8.65 -1.41
N LEU B 380 -4.67 -7.57 -1.95
CA LEU B 380 -3.93 -6.73 -2.87
C LEU B 380 -2.80 -6.00 -2.15
N HIS B 381 -3.05 -5.69 -0.88
CA HIS B 381 -2.03 -5.07 -0.03
C HIS B 381 -0.87 -6.01 0.33
N TYR B 382 -1.20 -7.26 0.67
CA TYR B 382 -0.20 -8.18 1.21
C TYR B 382 0.49 -9.03 0.16
N THR B 383 -0.08 -9.12 -1.04
CA THR B 383 0.63 -9.71 -2.16
C THR B 383 1.87 -8.89 -2.57
N ASP B 384 3.00 -9.58 -2.72
CA ASP B 384 4.19 -9.01 -3.35
C ASP B 384 4.05 -9.16 -4.88
N TRP B 385 3.80 -8.07 -5.57
CA TRP B 385 3.44 -8.16 -6.99
C TRP B 385 4.60 -8.48 -7.95
N LEU B 386 5.82 -8.56 -7.43
CA LEU B 386 6.95 -9.07 -8.19
C LEU B 386 7.01 -10.60 -8.16
N HIS B 387 6.52 -11.17 -7.07
CA HIS B 387 6.47 -12.61 -6.86
C HIS B 387 5.10 -13.00 -6.28
N PRO B 388 4.01 -12.78 -7.04
CA PRO B 388 2.66 -12.91 -6.50
C PRO B 388 2.24 -14.35 -6.25
N GLU B 389 2.98 -15.29 -6.81
CA GLU B 389 2.61 -16.71 -6.72
C GLU B 389 3.61 -17.52 -5.92
N ASP B 390 4.72 -16.90 -5.53
CA ASP B 390 5.74 -17.56 -4.72
C ASP B 390 5.13 -18.01 -3.39
N PRO B 391 5.26 -19.31 -3.06
CA PRO B 391 4.62 -19.88 -1.87
C PRO B 391 5.23 -19.36 -0.56
N THR B 392 6.54 -19.13 -0.52
CA THR B 392 7.18 -18.56 0.67
C THR B 392 6.63 -17.16 1.03
N HIS B 393 6.46 -16.31 0.01
CA HIS B 393 5.94 -14.95 0.23
C HIS B 393 4.52 -15.04 0.76
N LEU B 394 3.71 -15.84 0.07
CA LEU B 394 2.32 -16.10 0.43
C LEU B 394 2.15 -16.62 1.87
N ARG B 395 3.02 -17.55 2.27
CA ARG B 395 3.00 -18.11 3.62
C ARG B 395 3.35 -17.02 4.66
N ASP B 396 4.45 -16.31 4.44
CA ASP B 396 4.87 -15.24 5.35
C ASP B 396 3.84 -14.10 5.42
N ALA B 397 3.10 -13.87 4.33
CA ALA B 397 2.13 -12.78 4.28
C ALA B 397 0.86 -13.14 5.04
N MET B 398 0.43 -14.39 4.86
CA MET B 398 -0.69 -14.94 5.62
C MET B 398 -0.47 -14.72 7.13
N SER B 399 0.72 -15.09 7.61
CA SER B 399 1.13 -14.84 8.98
C SER B 399 1.01 -13.35 9.33
N ALA B 400 1.58 -12.51 8.46
CA ALA B 400 1.54 -11.06 8.59
C ALA B 400 0.11 -10.51 8.68
N VAL B 401 -0.78 -10.93 7.78
CA VAL B 401 -2.18 -10.52 7.83
C VAL B 401 -2.79 -10.78 9.22
N VAL B 402 -2.54 -11.98 9.74
CA VAL B 402 -3.13 -12.42 11.00
C VAL B 402 -2.55 -11.62 12.17
N GLY B 403 -1.23 -11.51 12.21
CA GLY B 403 -0.56 -10.76 13.26
C GLY B 403 -0.88 -9.27 13.26
N ASP B 404 -0.90 -8.64 12.08
CA ASP B 404 -1.15 -7.21 11.98
C ASP B 404 -2.57 -6.87 12.40
N HIS B 405 -3.52 -7.61 11.85
CA HIS B 405 -4.95 -7.42 12.13
C HIS B 405 -5.25 -7.55 13.64
N ASN B 406 -4.68 -8.55 14.29
CA ASN B 406 -5.07 -8.90 15.65
C ASN B 406 -4.23 -8.27 16.75
N VAL B 407 -2.92 -8.12 16.50
CA VAL B 407 -2.03 -7.63 17.54
C VAL B 407 -1.31 -6.32 17.17
N VAL B 408 -0.44 -6.36 16.16
CA VAL B 408 0.46 -5.23 15.87
C VAL B 408 -0.26 -3.90 15.64
N CYS B 409 -1.25 -3.89 14.76
CA CYS B 409 -1.96 -2.65 14.52
C CYS B 409 -2.87 -2.18 15.68
N PRO B 410 -3.60 -3.12 16.33
CA PRO B 410 -4.25 -2.70 17.59
C PRO B 410 -3.23 -2.15 18.63
N VAL B 411 -2.02 -2.71 18.70
CA VAL B 411 -1.03 -2.17 19.64
C VAL B 411 -0.56 -0.75 19.22
N ALA B 412 -0.23 -0.58 17.94
CA ALA B 412 0.19 0.72 17.41
C ALA B 412 -0.86 1.78 17.69
N GLN B 413 -2.12 1.40 17.47
CA GLN B 413 -3.27 2.26 17.74
C GLN B 413 -3.36 2.70 19.21
N LEU B 414 -3.30 1.72 20.12
CA LEU B 414 -3.35 2.02 21.56
C LEU B 414 -2.18 2.93 21.99
N ALA B 415 -0.97 2.57 21.55
CA ALA B 415 0.22 3.34 21.89
C ALA B 415 0.06 4.79 21.47
N GLY B 416 -0.35 4.99 20.22
CA GLY B 416 -0.64 6.31 19.69
C GLY B 416 -1.64 7.11 20.51
N ARG B 417 -2.79 6.51 20.84
CA ARG B 417 -3.82 7.22 21.61
C ARG B 417 -3.37 7.54 23.05
N LEU B 418 -2.77 6.57 23.73
CA LEU B 418 -2.24 6.81 25.06
C LEU B 418 -1.19 7.94 25.08
N ALA B 419 -0.29 7.95 24.09
CA ALA B 419 0.75 8.98 24.04
C ALA B 419 0.14 10.36 23.75
N ALA B 420 -0.86 10.38 22.88
CA ALA B 420 -1.52 11.63 22.51
C ALA B 420 -2.31 12.21 23.67
N GLN B 421 -2.84 11.34 24.55
CA GLN B 421 -3.68 11.83 25.64
C GLN B 421 -3.02 11.76 27.02
N GLY B 422 -1.70 11.91 27.06
CA GLY B 422 -1.01 12.17 28.33
C GLY B 422 -0.15 11.07 28.95
N ALA B 423 -0.25 9.84 28.49
CA ALA B 423 0.56 8.77 29.09
C ALA B 423 2.03 8.80 28.68
N ARG B 424 2.90 8.36 29.57
CA ARG B 424 4.28 8.06 29.23
C ARG B 424 4.26 6.64 28.67
N VAL B 425 4.68 6.47 27.42
CA VAL B 425 4.58 5.16 26.75
C VAL B 425 5.95 4.69 26.25
N TYR B 426 6.30 3.45 26.57
CA TYR B 426 7.48 2.82 26.00
C TYR B 426 7.07 1.63 25.16
N ALA B 427 7.62 1.53 23.95
CA ALA B 427 7.23 0.48 23.02
C ALA B 427 8.42 -0.39 22.58
N TYR B 428 8.13 -1.65 22.24
CA TYR B 428 9.18 -2.58 21.86
C TYR B 428 8.72 -3.56 20.79
N ILE B 429 9.68 -4.23 20.18
CA ILE B 429 9.46 -5.43 19.40
C ILE B 429 10.49 -6.46 19.86
N PHE B 430 10.02 -7.68 20.11
CA PHE B 430 10.87 -8.77 20.60
C PHE B 430 11.22 -9.65 19.41
N GLU B 431 12.51 -9.91 19.19
CA GLU B 431 12.91 -10.54 17.91
C GLU B 431 13.73 -11.82 18.09
N HIS B 432 14.11 -12.11 19.33
CA HIS B 432 14.89 -13.31 19.60
C HIS B 432 14.08 -14.61 19.60
N ARG B 433 14.49 -15.57 18.77
CA ARG B 433 13.89 -16.91 18.77
C ARG B 433 14.70 -17.86 19.68
N ALA B 434 14.06 -18.34 20.75
CA ALA B 434 14.71 -19.21 21.74
C ALA B 434 15.27 -20.49 21.12
N SER B 435 16.49 -20.86 21.53
CA SER B 435 17.12 -22.09 21.05
C SER B 435 16.27 -23.32 21.33
N THR B 436 15.61 -23.28 22.48
CA THR B 436 14.79 -24.38 23.00
C THR B 436 13.44 -24.55 22.29
N LEU B 437 13.12 -23.66 21.36
CA LEU B 437 11.80 -23.67 20.71
C LEU B 437 11.56 -24.93 19.88
N THR B 438 10.36 -25.52 20.05
CA THR B 438 10.04 -26.79 19.38
C THR B 438 9.10 -26.62 18.18
N TRP B 439 8.65 -25.39 17.94
CA TRP B 439 7.92 -25.06 16.70
C TRP B 439 8.93 -24.90 15.54
N PRO B 440 8.48 -25.14 14.30
CA PRO B 440 9.36 -25.00 13.13
C PRO B 440 9.98 -23.60 12.97
N LEU B 441 11.00 -23.51 12.12
CA LEU B 441 11.63 -22.22 11.84
C LEU B 441 10.70 -21.21 11.15
N TRP B 442 9.83 -21.68 10.28
CA TRP B 442 8.97 -20.75 9.54
C TRP B 442 8.04 -19.92 10.45
N MET B 443 7.81 -20.38 11.67
CA MET B 443 6.96 -19.66 12.60
C MET B 443 7.71 -18.53 13.29
N GLY B 444 9.03 -18.58 13.25
CA GLY B 444 9.89 -17.53 13.80
C GLY B 444 9.75 -17.36 15.30
N VAL B 445 9.30 -16.17 15.71
CA VAL B 445 9.03 -15.86 17.10
C VAL B 445 7.52 -15.76 17.28
N PRO B 446 6.87 -16.82 17.78
CA PRO B 446 5.41 -16.74 17.94
C PRO B 446 5.04 -16.09 19.28
N HIS B 447 3.76 -15.75 19.47
N HIS B 447 3.74 -15.80 19.44
CA HIS B 447 3.36 -15.00 20.65
CA HIS B 447 3.08 -15.57 20.72
C HIS B 447 3.32 -15.85 21.94
C HIS B 447 3.77 -16.18 21.92
N GLY B 448 4.08 -15.39 22.93
CA GLY B 448 4.28 -16.02 24.21
C GLY B 448 5.65 -16.63 24.37
N TYR B 449 6.52 -16.49 23.37
CA TYR B 449 7.88 -17.02 23.52
C TYR B 449 8.91 -15.98 23.95
N GLU B 450 8.39 -14.82 24.38
CA GLU B 450 9.16 -13.82 25.09
C GLU B 450 9.00 -13.99 26.61
N ILE B 451 7.90 -14.63 27.02
CA ILE B 451 7.53 -14.72 28.43
C ILE B 451 8.60 -15.40 29.29
N GLU B 452 9.17 -16.48 28.76
CA GLU B 452 10.18 -17.24 29.50
C GLU B 452 11.41 -16.38 29.82
N PHE B 453 11.77 -15.48 28.90
CA PHE B 453 12.87 -14.54 29.11
C PHE B 453 12.58 -13.43 30.12
N ILE B 454 11.41 -12.78 30.02
CA ILE B 454 10.95 -11.82 31.03
C ILE B 454 10.96 -12.41 32.44
N PHE B 455 10.52 -13.68 32.57
CA PHE B 455 10.43 -14.32 33.89
C PHE B 455 11.78 -14.81 34.41
N GLY B 456 12.74 -14.99 33.50
CA GLY B 456 14.10 -15.31 33.90
C GLY B 456 14.45 -16.78 33.85
N LEU B 457 13.63 -17.56 33.15
CA LEU B 457 13.87 -19.00 32.99
C LEU B 457 15.27 -19.40 32.49
N PRO B 458 15.91 -18.60 31.62
CA PRO B 458 17.26 -19.03 31.22
C PRO B 458 18.33 -18.99 32.33
N LEU B 459 17.96 -18.52 33.51
CA LEU B 459 18.89 -18.47 34.65
C LEU B 459 18.93 -19.82 35.36
N ASP B 460 18.09 -20.74 34.89
CA ASP B 460 18.11 -22.12 35.32
C ASP B 460 19.04 -22.89 34.38
N PRO B 461 20.19 -23.35 34.91
CA PRO B 461 21.24 -24.01 34.11
C PRO B 461 20.77 -25.35 33.58
N SER B 462 19.77 -25.93 34.24
CA SER B 462 19.24 -27.23 33.88
C SER B 462 18.31 -27.16 32.67
N LEU B 463 18.02 -25.95 32.19
CA LEU B 463 17.08 -25.78 31.09
C LEU B 463 17.72 -25.68 29.72
N ASN B 464 19.05 -25.62 29.70
CA ASN B 464 19.81 -25.73 28.46
C ASN B 464 19.60 -24.58 27.47
N TYR B 465 19.41 -23.38 28.03
CA TYR B 465 19.45 -22.16 27.25
C TYR B 465 20.93 -21.78 27.04
N THR B 466 21.24 -21.13 25.92
CA THR B 466 22.59 -20.66 25.68
C THR B 466 22.97 -19.57 26.68
N THR B 467 24.27 -19.32 26.83
CA THR B 467 24.75 -18.39 27.84
C THR B 467 24.45 -16.94 27.45
N GLU B 468 24.33 -16.66 26.15
CA GLU B 468 23.92 -15.34 25.68
C GLU B 468 22.46 -15.09 26.09
N GLU B 469 21.63 -16.14 25.95
CA GLU B 469 20.22 -16.11 26.36
C GLU B 469 20.05 -15.81 27.85
N ARG B 470 20.99 -16.28 28.66
CA ARG B 470 20.97 -15.99 30.09
C ARG B 470 21.27 -14.50 30.33
N ILE B 471 22.17 -13.93 29.55
CA ILE B 471 22.49 -12.49 29.65
C ILE B 471 21.33 -11.61 29.15
N PHE B 472 20.73 -12.02 28.02
CA PHE B 472 19.51 -11.43 27.47
C PHE B 472 18.38 -11.38 28.51
N ALA B 473 18.14 -12.54 29.13
CA ALA B 473 17.10 -12.69 30.13
C ALA B 473 17.30 -11.68 31.24
N GLN B 474 18.55 -11.54 31.68
CA GLN B 474 18.87 -10.60 32.76
C GLN B 474 18.59 -9.16 32.33
N ARG B 475 18.93 -8.81 31.09
CA ARG B 475 18.63 -7.48 30.56
C ARG B 475 17.13 -7.21 30.68
N LEU B 476 16.31 -8.12 30.14
CA LEU B 476 14.86 -7.98 30.15
C LEU B 476 14.27 -7.83 31.55
N MET B 477 14.68 -8.70 32.48
CA MET B 477 14.24 -8.58 33.87
C MET B 477 14.53 -7.20 34.42
N LYS B 478 15.70 -6.65 34.06
CA LYS B 478 16.07 -5.27 34.45
C LYS B 478 15.13 -4.21 33.85
N TYR B 479 14.83 -4.32 32.56
CA TYR B 479 13.92 -3.37 31.90
C TYR B 479 12.57 -3.39 32.60
N TRP B 480 11.99 -4.59 32.71
CA TRP B 480 10.68 -4.76 33.33
C TRP B 480 10.64 -4.24 34.76
N THR B 481 11.63 -4.63 35.57
CA THR B 481 11.61 -4.21 36.98
C THR B 481 11.98 -2.74 37.15
N ASN B 482 12.90 -2.22 36.33
CA ASN B 482 13.13 -0.77 36.31
C ASN B 482 11.84 -0.02 36.00
N PHE B 483 11.11 -0.49 34.99
CA PHE B 483 9.80 0.07 34.71
C PHE B 483 8.84 -0.01 35.93
N ALA B 484 8.81 -1.13 36.64
CA ALA B 484 7.94 -1.24 37.82
C ALA B 484 8.33 -0.25 38.90
N ARG B 485 9.63 -0.13 39.16
CA ARG B 485 10.13 0.81 40.18
C ARG B 485 9.88 2.26 39.79
N THR B 486 10.15 2.61 38.53
CA THR B 486 10.24 4.03 38.16
C THR B 486 9.23 4.56 37.12
N GLY B 487 8.68 3.69 36.28
CA GLY B 487 7.89 4.15 35.16
C GLY B 487 8.74 4.35 33.91
N ASP B 488 9.99 3.90 34.00
CA ASP B 488 11.00 4.10 32.97
C ASP B 488 11.90 2.87 32.95
N PRO B 489 11.99 2.18 31.80
CA PRO B 489 12.77 0.94 31.67
C PRO B 489 14.30 1.12 31.77
N ASN B 490 14.78 2.35 31.64
CA ASN B 490 16.22 2.62 31.51
C ASN B 490 16.99 2.51 32.84
N ASP B 491 18.19 1.93 32.80
CA ASP B 491 19.05 1.82 33.98
C ASP B 491 19.83 3.13 34.24
N PRO B 492 19.57 3.77 35.41
CA PRO B 492 20.29 5.00 35.81
C PRO B 492 21.78 4.72 36.06
N ARG B 493 22.11 3.49 36.43
CA ARG B 493 23.49 3.07 36.53
C ARG B 493 24.17 3.17 35.16
N ASP B 494 23.73 2.34 34.21
CA ASP B 494 24.30 2.33 32.87
C ASP B 494 24.02 3.60 32.07
N SER B 495 24.65 3.68 30.89
CA SER B 495 24.75 4.93 30.12
C SER B 495 25.39 4.70 28.74
N LYS B 496 25.26 5.73 27.86
CA LYS B 496 25.77 5.69 26.47
C LYS B 496 25.21 4.45 25.76
N SER B 497 23.91 4.26 25.95
CA SER B 497 23.36 2.94 26.24
C SER B 497 23.00 1.93 25.10
N PRO B 498 22.29 2.36 24.04
CA PRO B 498 21.56 3.62 23.85
C PRO B 498 20.36 3.69 24.79
N GLN B 499 19.80 4.88 24.97
CA GLN B 499 18.67 5.01 25.85
C GLN B 499 17.39 4.55 25.15
N TRP B 500 16.46 3.97 25.91
CA TRP B 500 15.15 3.59 25.40
C TRP B 500 14.23 4.85 25.44
N PRO B 501 13.87 5.39 24.26
CA PRO B 501 13.08 6.63 24.26
C PRO B 501 11.58 6.37 24.35
N PRO B 502 10.85 7.30 24.97
CA PRO B 502 9.38 7.23 25.00
C PRO B 502 8.79 7.17 23.58
N TYR B 503 7.72 6.41 23.42
CA TYR B 503 6.95 6.44 22.18
C TYR B 503 6.10 7.71 22.13
N THR B 504 6.12 8.39 20.98
CA THR B 504 5.34 9.61 20.77
C THR B 504 4.60 9.52 19.44
N THR B 505 3.57 10.34 19.27
CA THR B 505 2.86 10.38 18.00
C THR B 505 3.72 11.04 16.92
N ALA B 506 4.49 12.05 17.33
CA ALA B 506 5.46 12.70 16.46
C ALA B 506 6.51 11.72 15.90
N ALA B 507 7.37 11.20 16.77
CA ALA B 507 8.53 10.44 16.30
C ALA B 507 8.31 8.92 16.22
N GLN B 508 7.24 8.42 16.85
CA GLN B 508 6.90 6.98 16.87
C GLN B 508 8.08 6.02 17.10
N GLN B 509 8.91 6.34 18.10
CA GLN B 509 10.07 5.52 18.41
C GLN B 509 9.81 4.30 19.31
N TYR B 510 10.45 3.19 18.94
CA TYR B 510 10.37 1.93 19.68
C TYR B 510 11.72 1.21 19.58
N VAL B 511 11.98 0.27 20.48
CA VAL B 511 13.28 -0.42 20.46
C VAL B 511 13.16 -1.89 20.06
N SER B 512 14.22 -2.44 19.47
CA SER B 512 14.28 -3.88 19.21
C SER B 512 14.87 -4.63 20.43
N LEU B 513 14.18 -5.68 20.86
CA LEU B 513 14.69 -6.53 21.94
C LEU B 513 15.23 -7.83 21.33
N ASN B 514 16.54 -8.03 21.44
CA ASN B 514 17.24 -9.20 20.89
C ASN B 514 18.66 -9.29 21.48
N LEU B 515 19.51 -10.14 20.90
CA LEU B 515 20.83 -10.35 21.50
C LEU B 515 21.76 -9.14 21.33
N LYS B 516 21.58 -8.39 20.25
CA LYS B 516 22.35 -7.17 20.02
C LYS B 516 21.90 -6.08 21.01
N PRO B 517 22.71 -5.04 21.21
CA PRO B 517 22.24 -3.93 22.06
C PRO B 517 20.98 -3.24 21.49
N LEU B 518 20.29 -2.47 22.32
CA LEU B 518 19.07 -1.79 21.90
C LEU B 518 19.29 -1.00 20.62
N GLU B 519 18.37 -1.16 19.69
CA GLU B 519 18.39 -0.39 18.47
C GLU B 519 17.06 0.38 18.38
N VAL B 520 17.12 1.69 18.26
CA VAL B 520 15.90 2.48 18.17
C VAL B 520 15.37 2.53 16.73
N ARG B 521 14.09 2.22 16.54
CA ARG B 521 13.44 2.32 15.24
C ARG B 521 12.27 3.28 15.26
N ARG B 522 11.75 3.62 14.08
CA ARG B 522 10.67 4.58 13.99
C ARG B 522 9.50 4.06 13.17
N GLY B 523 8.30 4.18 13.71
CA GLY B 523 7.10 3.75 13.02
C GLY B 523 6.85 2.27 13.14
N LEU B 524 5.75 1.91 13.78
CA LEU B 524 5.39 0.52 13.99
C LEU B 524 4.45 0.07 12.89
N ARG B 525 5.03 -0.53 11.83
CA ARG B 525 4.27 -0.90 10.64
C ARG B 525 3.38 0.25 10.17
N ALA B 526 3.97 1.44 10.02
CA ALA B 526 3.13 2.64 9.93
C ALA B 526 2.26 2.72 8.67
N GLN B 527 2.80 2.25 7.54
CA GLN B 527 2.03 2.27 6.29
C GLN B 527 0.90 1.26 6.37
N THR B 528 1.25 0.06 6.81
CA THR B 528 0.31 -1.04 6.95
C THR B 528 -0.71 -0.82 8.08
N CYS B 529 -0.29 -0.20 9.18
CA CYS B 529 -1.26 0.07 10.23
C CYS B 529 -2.26 1.18 9.87
N ALA B 530 -1.85 2.11 8.99
CA ALA B 530 -2.79 3.10 8.45
C ALA B 530 -3.92 2.41 7.68
N PHE B 531 -3.57 1.37 6.93
CA PHE B 531 -4.55 0.55 6.23
C PHE B 531 -5.56 -0.09 7.19
N TRP B 532 -5.06 -0.73 8.23
CA TRP B 532 -5.91 -1.42 9.19
C TRP B 532 -6.70 -0.47 10.07
N ASN B 533 -6.06 0.60 10.53
CA ASN B 533 -6.69 1.49 11.51
C ASN B 533 -7.47 2.66 10.92
N ARG B 534 -7.14 3.08 9.70
CA ARG B 534 -7.83 4.22 9.12
C ARG B 534 -8.75 3.85 7.96
N PHE B 535 -8.27 2.98 7.06
CA PHE B 535 -9.00 2.78 5.83
C PHE B 535 -10.01 1.65 5.92
N LEU B 536 -9.56 0.51 6.43
CA LEU B 536 -10.42 -0.67 6.55
C LEU B 536 -11.79 -0.44 7.20
N PRO B 537 -11.85 0.35 8.30
CA PRO B 537 -13.17 0.73 8.82
C PRO B 537 -14.09 1.39 7.78
N LYS B 538 -13.60 2.44 7.11
CA LYS B 538 -14.37 3.17 6.10
C LYS B 538 -14.94 2.23 5.03
N LEU B 539 -14.19 1.21 4.70
CA LEU B 539 -14.57 0.24 3.67
C LEU B 539 -15.74 -0.65 4.11
N LEU B 540 -15.59 -1.26 5.28
CA LEU B 540 -16.61 -2.10 5.89
C LEU B 540 -17.86 -1.31 6.24
N SER B 541 -17.69 -0.05 6.62
CA SER B 541 -18.82 0.84 6.89
C SER B 541 -19.74 0.96 5.68
N ALA B 542 -19.16 1.00 4.48
CA ALA B 542 -19.94 1.12 3.26
C ALA B 542 -20.06 -0.18 2.50
N THR B 543 -20.61 -1.20 3.18
CA THR B 543 -21.37 -2.21 2.45
C THR B 543 -22.60 -1.44 1.97
C1 1KA C . -20.08 2.42 -29.18
O1 1KA C . -20.86 2.89 -30.24
C2 1KA C . -19.47 1.02 -29.36
O2 1KA C . -18.85 0.44 -28.24
C3 1KA C . -19.48 -0.63 -27.60
C4 1KA C . -18.81 -1.99 -27.63
O4 1KA C . -19.44 -3.03 -26.94
C13 P15 D . 2.79 1.78 0.72
O6 P15 D . 1.67 2.35 1.35
C12 P15 D . 0.43 1.68 1.36
C11 P15 D . -0.60 2.05 2.44
O5 P15 D . -1.95 1.75 2.19
C10 P15 D . -3.00 2.49 2.77
C9 P15 D . -4.41 2.31 2.21
O4 P15 D . -4.56 1.69 0.93
C8 P15 D . -5.85 1.50 0.36
C7 P15 D . -6.25 0.10 -0.12
O3 P15 D . -5.39 -0.60 -0.98
C6 P15 D . -5.74 -1.87 -1.49
C5 P15 D . -4.84 -2.47 -2.59
O2 P15 D . -3.47 -2.15 -2.50
C4 P15 D . -2.48 -2.73 -3.32
C3 P15 D . -1.01 -2.43 -2.97
O1 P15 D . -0.76 -1.54 -1.89
C2 P15 D . 0.53 -1.49 -1.30
C1 P15 D . 0.84 -2.42 -0.12
OXT P15 D . 2.18 -2.67 0.22
C1 1KA E . 5.55 6.82 1.76
O1 1KA E . 6.49 5.87 2.22
C2 1KA E . 4.48 6.36 0.76
O2 1KA E . 4.71 5.19 0.01
C3 1KA E . 3.89 4.88 -1.09
C4 1KA E . 4.24 5.50 -2.45
O4 1KA E . 4.37 6.90 -2.52
C1 1KA F . -4.13 23.84 -20.09
O1 1KA F . -3.80 22.49 -19.89
C2 1KA F . -5.22 24.43 -19.18
O2 1KA F . -6.00 25.52 -19.60
C3 1KA F . -6.32 26.53 -18.69
C4 1KA F . -7.68 27.24 -18.78
O4 1KA F . -7.79 28.38 -19.59
C1 1KA G . 3.68 -8.74 3.39
O1 1KA G . 4.58 -9.66 3.97
C2 1KA G . 4.02 -8.10 2.05
O2 1KA G . 3.55 -6.78 1.81
C3 1KA G . 4.24 -5.94 0.90
C4 1KA G . 4.71 -6.55 -0.41
O4 1KA G . 6.08 -6.41 -0.75
C1 1KA H . -22.95 2.98 24.68
O1 1KA H . -22.91 4.33 25.06
C2 1KA H . -22.59 1.90 25.72
O2 1KA H . -23.15 0.62 25.60
C3 1KA H . -23.80 0.06 26.70
C4 1KA H . -24.74 -1.13 26.46
O4 1KA H . -25.83 -1.32 27.35
#